data_5L75
#
_entry.id   5L75
#
_cell.length_a   105.259
_cell.length_b   210.521
_cell.length_c   258.942
_cell.angle_alpha   90.00
_cell.angle_beta   90.00
_cell.angle_gamma   90.00
#
_symmetry.space_group_name_H-M   'I 21 21 21'
#
loop_
_entity.id
_entity.type
_entity.pdbx_description
1 polymer 'Lipopolysaccharide ABC transporter, ATP-binding protein LptB'
2 polymer 'FIG000988: Predicted permease'
3 polymer 'FIG000906: Predicted Permease'
4 non-polymer 'PLATINUM (II) ION'
#
loop_
_entity_poly.entity_id
_entity_poly.type
_entity_poly.pdbx_seq_one_letter_code
_entity_poly.pdbx_strand_id
1 'polypeptide(L)'
;MATLTAKNLAKAYKGRRVVEDVSLTVNSGEIVGLLGPNGAGKTTTFYMVVGIVPRDAGNIIIDDEDISLLPLHARARRGI
GYLPQEASIFRRLSVYDNLMAVLQIRDDLTSEQREDRAKELMEEFHIEHLRDSLGQALSGGERRRVEIARALAANPKFIL
LDEPFAGVDPISVIDIKRIIEHLRDSGLGVLITDHNVRETLAVCERAYIVSQGHLIAHGTPQQILEDEQVKRVYLGEDFR
L
;
A,B
2 'polypeptide(L)'
;MIIIRYLVRETLKSQLAILFILLLIFFCQKLVRILGAAVDGDIPTNLVLSLLGLGIPEMAQLILPLSLFLGLLMTLGKLY
TESEITVMHACGLSKAVLIKAAMILAVFTGAVAAVNVMWAGPWSSRHQDEVLAEAKANPGMAALAQGQFQQASDGNAVMF
IESVNGNRFHDVFLAQLRPKGNARPSVVVADSGELSQQKDGSQYVTLNKGTRFEGTAMLRDFRITDFNNYQAIIGHQAVS
ADPDDTEQMDMRTLWKTHTDRARAELHWRFTLVATVFIMALMVVPLSVVNPRQGRVLSMLPAMLLYLVFFLLQTSIKSNG
GKGKMDPAIWMWAINLLYFALAVLLNLWDTVPMRRFRARFNKGAA
;
F
3 'polypeptide(L)'
;MQAFGVLDRYIGKTIFNTIMMTLFMLVSLSGIIKFVDQLKKSGQGSYDALGAGLYTILSVPKDIQIFFPMAALLGALLGL
GMLAQRSELVVMQASGFTRLQVALAVMKTAIPLVLLTMAIGEWVAPQGEQMARNYRAQQMYGGSLLSTQQGLWAKDGHNF
VYIERVKGNDELGGVSIYAFNPERRLQSVRYAASAKFDSENKVWRLSQVDESDLTDPKQVTGSQMVSGTWKTNLTPDKLG
VVALDPDALSISGLHNYVKYLKSSGQDPGRYQLNMWSKIFQPLSVAVMMLMALSFIFGPLRSVPMGVRVVTGISFGFIFY
VLDQIFGPLTLVYGIPPIIGALLPSASFFLISLWLMMRKA
;
G
#
# COMPACT_ATOMS: atom_id res chain seq x y z
N ALA A 2 -28.11 -37.20 -16.73
CA ALA A 2 -27.99 -36.36 -15.54
C ALA A 2 -28.89 -35.13 -15.62
N THR A 3 -29.11 -34.45 -14.48
CA THR A 3 -29.93 -33.24 -14.37
C THR A 3 -29.35 -32.31 -13.29
N LEU A 4 -29.81 -31.04 -13.26
CA LEU A 4 -29.38 -30.01 -12.32
C LEU A 4 -30.61 -29.17 -12.00
N THR A 5 -31.06 -29.22 -10.74
CA THR A 5 -32.26 -28.54 -10.29
C THR A 5 -32.00 -27.41 -9.29
N ALA A 6 -32.96 -26.48 -9.23
CA ALA A 6 -32.99 -25.34 -8.32
C ALA A 6 -34.46 -25.13 -7.96
N LYS A 7 -34.80 -25.04 -6.67
CA LYS A 7 -36.18 -24.85 -6.25
C LYS A 7 -36.33 -23.85 -5.09
N ASN A 8 -37.22 -22.85 -5.30
CA ASN A 8 -37.58 -21.76 -4.38
C ASN A 8 -36.36 -20.94 -3.89
N LEU A 9 -35.51 -20.54 -4.87
CA LEU A 9 -34.28 -19.78 -4.65
C LEU A 9 -34.57 -18.33 -4.29
N ALA A 10 -34.07 -17.89 -3.13
CA ALA A 10 -34.26 -16.51 -2.67
C ALA A 10 -33.05 -15.96 -1.91
N LYS A 11 -32.73 -14.67 -2.16
CA LYS A 11 -31.63 -13.95 -1.52
C LYS A 11 -32.01 -12.51 -1.29
N ALA A 12 -31.59 -11.97 -0.14
CA ALA A 12 -31.81 -10.59 0.27
C ALA A 12 -30.49 -9.92 0.58
N TYR A 13 -30.36 -8.62 0.25
CA TYR A 13 -29.14 -7.86 0.51
C TYR A 13 -29.31 -6.94 1.72
N LYS A 14 -29.84 -5.72 1.51
CA LYS A 14 -30.11 -4.77 2.59
C LYS A 14 -31.65 -4.67 2.76
N GLY A 15 -32.33 -5.77 2.45
CA GLY A 15 -33.78 -5.88 2.46
C GLY A 15 -34.33 -5.68 1.06
N ARG A 16 -33.43 -5.40 0.10
CA ARG A 16 -33.72 -5.16 -1.32
C ARG A 16 -34.38 -6.36 -1.98
N ARG A 17 -33.92 -7.59 -1.64
CA ARG A 17 -34.38 -8.87 -2.18
C ARG A 17 -34.14 -8.95 -3.69
N VAL A 18 -32.90 -9.33 -4.06
CA VAL A 18 -32.42 -9.47 -5.43
C VAL A 18 -33.09 -10.68 -6.13
N VAL A 19 -33.54 -11.68 -5.35
CA VAL A 19 -34.24 -12.88 -5.83
C VAL A 19 -35.33 -13.33 -4.86
N GLU A 20 -36.54 -13.56 -5.39
CA GLU A 20 -37.73 -13.99 -4.66
C GLU A 20 -38.42 -15.16 -5.37
N ASP A 21 -38.14 -16.39 -4.89
CA ASP A 21 -38.67 -17.69 -5.35
C ASP A 21 -38.51 -17.95 -6.88
N VAL A 22 -37.35 -18.53 -7.24
CA VAL A 22 -37.03 -18.91 -8.61
C VAL A 22 -36.68 -20.39 -8.67
N SER A 23 -37.18 -21.08 -9.70
CA SER A 23 -36.93 -22.50 -9.87
C SER A 23 -36.57 -22.81 -11.33
N LEU A 24 -35.33 -23.32 -11.54
CA LEU A 24 -34.86 -23.69 -12.87
C LEU A 24 -34.16 -25.04 -12.89
N THR A 25 -34.35 -25.78 -13.97
CA THR A 25 -33.74 -27.09 -14.16
C THR A 25 -32.97 -27.10 -15.47
N VAL A 26 -31.88 -27.86 -15.53
CA VAL A 26 -31.04 -28.01 -16.73
C VAL A 26 -30.52 -29.45 -16.78
N ASN A 27 -30.79 -30.16 -17.90
CA ASN A 27 -30.43 -31.56 -18.12
C ASN A 27 -29.18 -31.72 -19.00
N SER A 28 -28.50 -32.88 -18.89
CA SER A 28 -27.29 -33.20 -19.66
C SER A 28 -27.62 -33.30 -21.14
N GLY A 29 -27.09 -32.33 -21.90
CA GLY A 29 -27.33 -32.21 -23.33
C GLY A 29 -28.11 -30.95 -23.68
N GLU A 30 -29.17 -30.66 -22.88
CA GLU A 30 -30.04 -29.50 -22.99
C GLU A 30 -29.27 -28.23 -22.55
N ILE A 31 -29.14 -27.24 -23.46
CA ILE A 31 -28.40 -26.00 -23.17
C ILE A 31 -29.40 -24.86 -22.90
N VAL A 32 -29.54 -24.52 -21.61
CA VAL A 32 -30.47 -23.49 -21.15
C VAL A 32 -29.76 -22.14 -21.00
N GLY A 33 -30.55 -21.07 -20.95
CA GLY A 33 -30.03 -19.71 -20.79
C GLY A 33 -30.79 -18.92 -19.76
N LEU A 34 -30.10 -18.51 -18.69
CA LEU A 34 -30.73 -17.70 -17.64
C LEU A 34 -30.53 -16.22 -18.00
N LEU A 35 -31.61 -15.58 -18.47
CA LEU A 35 -31.61 -14.17 -18.90
C LEU A 35 -32.54 -13.29 -18.05
N GLY A 36 -32.63 -12.02 -18.41
CA GLY A 36 -33.44 -11.03 -17.71
C GLY A 36 -32.77 -9.67 -17.56
N PRO A 37 -33.47 -8.65 -17.00
CA PRO A 37 -32.86 -7.31 -16.86
C PRO A 37 -31.62 -7.23 -15.94
N ASN A 38 -30.89 -6.09 -16.02
CA ASN A 38 -29.68 -5.82 -15.21
C ASN A 38 -29.94 -5.87 -13.71
N GLY A 39 -29.31 -6.83 -13.05
CA GLY A 39 -29.40 -7.05 -11.60
C GLY A 39 -30.75 -7.54 -11.08
N ALA A 40 -31.75 -7.69 -11.97
CA ALA A 40 -33.12 -8.14 -11.67
C ALA A 40 -33.18 -9.44 -10.90
N GLY A 41 -32.26 -10.36 -11.21
CA GLY A 41 -32.14 -11.66 -10.57
C GLY A 41 -31.10 -12.52 -11.25
N LYS A 42 -31.21 -12.60 -12.61
CA LYS A 42 -30.36 -13.29 -13.57
C LYS A 42 -28.89 -13.39 -13.11
N THR A 43 -28.30 -12.24 -12.72
CA THR A 43 -26.93 -12.08 -12.23
C THR A 43 -26.67 -12.94 -10.99
N THR A 44 -27.36 -12.66 -9.87
CA THR A 44 -27.21 -13.36 -8.59
C THR A 44 -27.65 -14.83 -8.65
N THR A 45 -28.77 -15.13 -9.35
CA THR A 45 -29.32 -16.50 -9.50
C THR A 45 -28.26 -17.46 -10.03
N PHE A 46 -27.54 -17.01 -11.08
CA PHE A 46 -26.46 -17.74 -11.72
C PHE A 46 -25.36 -18.07 -10.68
N TYR A 47 -24.90 -17.07 -9.89
CA TYR A 47 -23.84 -17.25 -8.88
C TYR A 47 -24.31 -18.00 -7.64
N MET A 48 -25.63 -18.04 -7.39
CA MET A 48 -26.25 -18.78 -6.27
C MET A 48 -26.16 -20.26 -6.62
N VAL A 49 -26.41 -20.57 -7.91
CA VAL A 49 -26.33 -21.89 -8.53
C VAL A 49 -24.85 -22.32 -8.54
N VAL A 50 -23.94 -21.36 -8.84
CA VAL A 50 -22.49 -21.60 -8.83
C VAL A 50 -22.02 -21.89 -7.39
N GLY A 51 -22.47 -21.06 -6.45
CA GLY A 51 -22.14 -21.20 -5.03
C GLY A 51 -21.42 -20.04 -4.40
N ILE A 52 -21.20 -18.95 -5.19
CA ILE A 52 -20.53 -17.72 -4.73
C ILE A 52 -21.47 -16.99 -3.76
N VAL A 53 -22.72 -16.73 -4.20
CA VAL A 53 -23.76 -16.07 -3.42
C VAL A 53 -24.49 -17.13 -2.59
N PRO A 54 -24.56 -16.99 -1.24
CA PRO A 54 -25.25 -18.01 -0.45
C PRO A 54 -26.76 -17.88 -0.47
N ARG A 55 -27.48 -19.00 -0.67
CA ARG A 55 -28.95 -19.01 -0.70
C ARG A 55 -29.49 -18.58 0.66
N ASP A 56 -30.59 -17.84 0.67
CA ASP A 56 -31.21 -17.42 1.92
C ASP A 56 -32.46 -18.26 2.18
N ALA A 57 -33.04 -18.85 1.11
CA ALA A 57 -34.23 -19.70 1.14
C ALA A 57 -34.22 -20.74 0.01
N GLY A 58 -33.20 -20.70 -0.84
CA GLY A 58 -33.04 -21.59 -1.97
C GLY A 58 -32.80 -23.06 -1.69
N ASN A 59 -32.63 -23.85 -2.76
CA ASN A 59 -32.35 -25.28 -2.75
C ASN A 59 -31.68 -25.70 -4.08
N ILE A 60 -30.35 -25.95 -4.02
CA ILE A 60 -29.53 -26.38 -5.17
C ILE A 60 -29.36 -27.90 -5.06
N ILE A 61 -29.91 -28.61 -6.06
CA ILE A 61 -29.90 -30.07 -6.20
C ILE A 61 -29.20 -30.40 -7.54
N ILE A 62 -28.42 -31.50 -7.60
CA ILE A 62 -27.81 -31.90 -8.87
C ILE A 62 -28.84 -32.82 -9.55
N ASP A 63 -28.50 -34.12 -9.69
CA ASP A 63 -29.37 -35.13 -10.29
C ASP A 63 -30.43 -35.55 -9.27
N ASP A 64 -30.04 -35.52 -7.97
CA ASP A 64 -30.82 -35.90 -6.79
C ASP A 64 -30.10 -35.44 -5.53
N GLU A 65 -28.75 -35.32 -5.61
CA GLU A 65 -27.85 -34.92 -4.53
C GLU A 65 -27.94 -33.41 -4.22
N ASP A 66 -28.15 -33.03 -2.94
CA ASP A 66 -28.24 -31.61 -2.56
C ASP A 66 -26.85 -30.99 -2.44
N ILE A 67 -26.72 -29.73 -2.90
CA ILE A 67 -25.46 -28.99 -2.87
C ILE A 67 -25.61 -27.53 -2.37
N SER A 68 -26.84 -27.02 -2.12
CA SER A 68 -27.08 -25.64 -1.65
C SER A 68 -26.22 -25.16 -0.45
N LEU A 69 -25.67 -26.13 0.29
CA LEU A 69 -24.82 -25.92 1.47
C LEU A 69 -23.33 -26.08 1.15
N LEU A 70 -23.01 -26.92 0.14
CA LEU A 70 -21.66 -27.23 -0.35
C LEU A 70 -21.05 -26.03 -1.07
N PRO A 71 -19.75 -25.71 -0.84
CA PRO A 71 -19.13 -24.56 -1.51
C PRO A 71 -18.68 -24.84 -2.96
N LEU A 72 -18.05 -23.84 -3.61
CA LEU A 72 -17.55 -23.88 -4.99
C LEU A 72 -16.55 -25.01 -5.27
N HIS A 73 -15.53 -25.19 -4.39
CA HIS A 73 -14.49 -26.21 -4.53
C HIS A 73 -15.03 -27.64 -4.39
N ALA A 74 -16.19 -27.80 -3.74
CA ALA A 74 -16.87 -29.09 -3.54
C ALA A 74 -17.74 -29.41 -4.75
N ARG A 75 -18.53 -28.43 -5.24
CA ARG A 75 -19.42 -28.57 -6.40
C ARG A 75 -18.63 -28.88 -7.68
N ALA A 76 -17.43 -28.30 -7.83
CA ALA A 76 -16.55 -28.48 -8.98
C ALA A 76 -16.09 -29.93 -9.15
N ARG A 77 -15.77 -30.61 -8.02
CA ARG A 77 -15.33 -32.00 -7.98
C ARG A 77 -16.48 -32.95 -8.35
N ARG A 78 -17.74 -32.49 -8.18
CA ARG A 78 -18.94 -33.25 -8.53
C ARG A 78 -19.07 -33.26 -10.04
N GLY A 79 -19.44 -32.12 -10.61
CA GLY A 79 -19.60 -31.97 -12.05
C GLY A 79 -20.12 -30.60 -12.45
N ILE A 80 -19.55 -29.56 -11.83
CA ILE A 80 -19.90 -28.17 -12.10
C ILE A 80 -18.64 -27.51 -12.67
N GLY A 81 -18.81 -26.64 -13.65
CA GLY A 81 -17.69 -25.96 -14.30
C GLY A 81 -17.91 -24.48 -14.52
N TYR A 82 -17.65 -23.65 -13.48
CA TYR A 82 -17.77 -22.20 -13.61
C TYR A 82 -16.66 -21.67 -14.49
N LEU A 83 -17.05 -20.86 -15.48
CA LEU A 83 -16.13 -20.24 -16.43
C LEU A 83 -16.32 -18.72 -16.38
N PRO A 84 -15.31 -17.94 -15.93
CA PRO A 84 -15.50 -16.47 -15.86
C PRO A 84 -15.43 -15.81 -17.22
N GLN A 85 -15.99 -14.60 -17.33
CA GLN A 85 -16.03 -13.80 -18.56
C GLN A 85 -14.63 -13.43 -19.07
N GLU A 86 -13.70 -13.14 -18.14
CA GLU A 86 -12.33 -12.75 -18.47
C GLU A 86 -11.37 -13.98 -18.57
N ALA A 87 -10.06 -13.71 -18.80
CA ALA A 87 -8.99 -14.70 -19.01
C ALA A 87 -8.80 -15.75 -17.90
N SER A 88 -7.92 -15.49 -16.89
CA SER A 88 -7.58 -16.37 -15.76
C SER A 88 -7.09 -17.77 -16.21
N ILE A 89 -6.24 -17.79 -17.24
CA ILE A 89 -5.68 -19.00 -17.86
C ILE A 89 -4.36 -19.47 -17.19
N PHE A 90 -3.99 -18.85 -16.06
CA PHE A 90 -2.75 -19.11 -15.30
C PHE A 90 -1.55 -18.65 -16.13
N ARG A 91 -1.35 -17.32 -16.13
CA ARG A 91 -0.33 -16.58 -16.87
C ARG A 91 1.06 -17.17 -16.73
N ARG A 92 1.48 -17.45 -15.50
CA ARG A 92 2.80 -18.02 -15.21
C ARG A 92 2.80 -19.57 -15.23
N LEU A 93 2.07 -20.16 -16.19
CA LEU A 93 1.94 -21.62 -16.37
C LEU A 93 1.76 -21.97 -17.85
N SER A 94 2.41 -23.07 -18.31
CA SER A 94 2.33 -23.59 -19.69
C SER A 94 0.93 -24.14 -19.94
N VAL A 95 0.47 -24.19 -21.22
CA VAL A 95 -0.87 -24.70 -21.56
C VAL A 95 -1.04 -26.17 -21.09
N TYR A 96 -0.05 -27.04 -21.39
CA TYR A 96 -0.04 -28.45 -20.98
C TYR A 96 -0.07 -28.57 -19.45
N ASP A 97 0.79 -27.82 -18.75
CA ASP A 97 0.85 -27.83 -17.29
C ASP A 97 -0.41 -27.23 -16.65
N ASN A 98 -1.01 -26.22 -17.31
CA ASN A 98 -2.24 -25.55 -16.90
C ASN A 98 -3.40 -26.56 -16.92
N LEU A 99 -3.40 -27.42 -17.95
CA LEU A 99 -4.38 -28.49 -18.13
C LEU A 99 -4.13 -29.59 -17.10
N MET A 100 -2.85 -29.95 -16.89
CA MET A 100 -2.40 -30.99 -15.96
C MET A 100 -2.62 -30.63 -14.49
N ALA A 101 -2.53 -29.34 -14.13
CA ALA A 101 -2.74 -28.84 -12.77
C ALA A 101 -4.15 -29.14 -12.25
N VAL A 102 -5.15 -29.15 -13.15
CA VAL A 102 -6.56 -29.44 -12.87
C VAL A 102 -6.72 -30.97 -12.79
N LEU A 103 -6.09 -31.71 -13.73
CA LEU A 103 -6.08 -33.18 -13.80
C LEU A 103 -5.41 -33.80 -12.58
N GLN A 104 -4.48 -33.04 -11.93
CA GLN A 104 -3.74 -33.40 -10.71
C GLN A 104 -4.74 -33.71 -9.59
N ILE A 105 -5.78 -32.86 -9.50
CA ILE A 105 -6.86 -32.96 -8.51
C ILE A 105 -7.69 -34.22 -8.77
N ARG A 106 -7.97 -34.53 -10.07
CA ARG A 106 -8.76 -35.69 -10.50
C ARG A 106 -8.11 -37.01 -10.10
N ASP A 107 -8.80 -37.72 -9.18
CA ASP A 107 -8.44 -39.01 -8.59
C ASP A 107 -9.01 -40.20 -9.36
N ASP A 108 -10.04 -39.96 -10.19
CA ASP A 108 -10.69 -41.00 -11.01
C ASP A 108 -9.83 -41.41 -12.21
N LEU A 109 -8.83 -40.57 -12.56
CA LEU A 109 -7.90 -40.79 -13.67
C LEU A 109 -6.55 -41.33 -13.15
N THR A 110 -6.00 -42.41 -13.79
CA THR A 110 -4.72 -43.02 -13.40
C THR A 110 -3.52 -42.12 -13.75
N SER A 111 -2.33 -42.41 -13.19
CA SER A 111 -1.08 -41.66 -13.39
C SER A 111 -0.76 -41.34 -14.86
N GLU A 112 -1.06 -42.29 -15.78
CA GLU A 112 -0.86 -42.13 -17.23
C GLU A 112 -2.13 -41.66 -17.91
N GLN A 113 -3.29 -42.26 -17.56
CA GLN A 113 -4.64 -41.96 -18.10
C GLN A 113 -4.96 -40.47 -18.02
N ARG A 114 -4.41 -39.77 -17.00
CA ARG A 114 -4.58 -38.34 -16.80
C ARG A 114 -3.74 -37.53 -17.80
N GLU A 115 -2.50 -38.00 -18.10
CA GLU A 115 -1.61 -37.36 -19.07
C GLU A 115 -2.19 -37.53 -20.46
N ASP A 116 -2.92 -38.62 -20.68
CA ASP A 116 -3.61 -38.98 -21.92
C ASP A 116 -4.80 -38.06 -22.19
N ARG A 117 -5.52 -37.62 -21.13
CA ARG A 117 -6.66 -36.70 -21.24
C ARG A 117 -6.14 -35.31 -21.66
N ALA A 118 -4.93 -34.92 -21.19
CA ALA A 118 -4.29 -33.64 -21.53
C ALA A 118 -4.00 -33.59 -23.04
N LYS A 119 -3.51 -34.72 -23.60
CA LYS A 119 -3.23 -34.89 -25.03
C LYS A 119 -4.54 -34.88 -25.81
N GLU A 120 -5.58 -35.56 -25.24
CA GLU A 120 -6.94 -35.69 -25.79
C GLU A 120 -7.63 -34.33 -25.91
N LEU A 121 -7.53 -33.47 -24.87
CA LEU A 121 -8.13 -32.14 -24.85
C LEU A 121 -7.41 -31.18 -25.81
N MET A 122 -6.08 -31.37 -25.97
CA MET A 122 -5.23 -30.58 -26.87
C MET A 122 -5.70 -30.70 -28.32
N GLU A 123 -5.90 -31.95 -28.79
CA GLU A 123 -6.37 -32.26 -30.14
C GLU A 123 -7.87 -31.93 -30.32
N GLU A 124 -8.65 -31.99 -29.21
CA GLU A 124 -10.09 -31.70 -29.20
C GLU A 124 -10.36 -30.23 -29.46
N PHE A 125 -9.70 -29.35 -28.66
CA PHE A 125 -9.87 -27.90 -28.70
C PHE A 125 -8.81 -27.21 -29.59
N HIS A 126 -8.13 -28.00 -30.44
CA HIS A 126 -7.13 -27.57 -31.43
C HIS A 126 -6.10 -26.59 -30.84
N ILE A 127 -5.37 -27.07 -29.80
CA ILE A 127 -4.38 -26.30 -29.06
C ILE A 127 -3.04 -27.05 -28.89
N GLU A 128 -2.83 -28.13 -29.68
CA GLU A 128 -1.59 -28.93 -29.67
C GLU A 128 -0.40 -28.09 -30.16
N HIS A 129 -0.68 -27.07 -30.99
CA HIS A 129 0.31 -26.13 -31.53
C HIS A 129 0.79 -25.14 -30.44
N LEU A 130 0.06 -25.12 -29.30
CA LEU A 130 0.36 -24.26 -28.15
C LEU A 130 0.76 -25.11 -26.92
N ARG A 131 1.46 -26.24 -27.14
CA ARG A 131 1.88 -27.19 -26.11
C ARG A 131 2.86 -26.60 -25.08
N ASP A 132 4.07 -26.22 -25.54
CA ASP A 132 5.11 -25.66 -24.66
C ASP A 132 4.95 -24.16 -24.38
N SER A 133 3.96 -23.50 -25.05
CA SER A 133 3.66 -22.08 -24.86
C SER A 133 3.05 -21.84 -23.47
N LEU A 134 3.33 -20.68 -22.85
CA LEU A 134 2.87 -20.33 -21.51
C LEU A 134 1.37 -20.02 -21.46
N GLY A 135 0.99 -18.76 -21.53
CA GLY A 135 -0.40 -18.34 -21.48
C GLY A 135 -0.58 -16.85 -21.33
N GLN A 136 0.54 -16.14 -21.14
CA GLN A 136 0.63 -14.69 -20.98
C GLN A 136 -0.03 -13.91 -22.13
N ALA A 137 0.05 -14.46 -23.36
CA ALA A 137 -0.52 -13.87 -24.56
C ALA A 137 -1.16 -14.95 -25.42
N LEU A 138 -2.51 -14.89 -25.53
CA LEU A 138 -3.31 -15.83 -26.31
C LEU A 138 -4.47 -15.07 -26.95
N SER A 139 -4.71 -15.29 -28.26
CA SER A 139 -5.80 -14.67 -29.04
C SER A 139 -7.16 -15.03 -28.44
N GLY A 140 -8.13 -14.11 -28.56
CA GLY A 140 -9.49 -14.25 -28.05
C GLY A 140 -10.12 -15.61 -28.24
N GLY A 141 -9.94 -16.18 -29.43
CA GLY A 141 -10.44 -17.50 -29.78
C GLY A 141 -9.64 -18.62 -29.17
N GLU A 142 -8.29 -18.59 -29.35
CA GLU A 142 -7.38 -19.63 -28.84
C GLU A 142 -7.24 -19.65 -27.31
N ARG A 143 -7.52 -18.52 -26.63
CA ARG A 143 -7.46 -18.40 -25.18
C ARG A 143 -8.67 -19.08 -24.55
N ARG A 144 -9.88 -18.75 -25.03
CA ARG A 144 -11.16 -19.27 -24.55
C ARG A 144 -11.26 -20.77 -24.64
N ARG A 145 -10.71 -21.37 -25.72
CA ARG A 145 -10.74 -22.82 -25.88
C ARG A 145 -9.78 -23.52 -24.91
N VAL A 146 -8.74 -22.81 -24.41
CA VAL A 146 -7.80 -23.34 -23.41
C VAL A 146 -8.53 -23.37 -22.05
N GLU A 147 -9.32 -22.31 -21.76
CA GLU A 147 -10.13 -22.17 -20.54
C GLU A 147 -11.15 -23.30 -20.41
N ILE A 148 -11.94 -23.55 -21.49
CA ILE A 148 -12.94 -24.62 -21.55
C ILE A 148 -12.27 -25.98 -21.44
N ALA A 149 -11.12 -26.18 -22.13
CA ALA A 149 -10.36 -27.43 -22.07
C ALA A 149 -9.91 -27.68 -20.63
N ARG A 150 -9.34 -26.63 -19.99
CA ARG A 150 -8.87 -26.62 -18.60
C ARG A 150 -10.01 -26.90 -17.63
N ALA A 151 -11.22 -26.39 -17.96
CA ALA A 151 -12.43 -26.59 -17.17
C ALA A 151 -12.89 -28.05 -17.31
N LEU A 152 -12.81 -28.60 -18.55
CA LEU A 152 -13.18 -29.96 -18.90
C LEU A 152 -12.28 -31.01 -18.24
N ALA A 153 -11.06 -30.60 -17.85
CA ALA A 153 -10.07 -31.43 -17.16
C ALA A 153 -10.55 -31.80 -15.74
N ALA A 154 -11.64 -31.15 -15.28
CA ALA A 154 -12.26 -31.38 -13.97
C ALA A 154 -13.49 -32.32 -14.07
N ASN A 155 -13.64 -33.04 -15.23
CA ASN A 155 -14.74 -33.96 -15.55
C ASN A 155 -16.12 -33.37 -15.26
N PRO A 156 -16.63 -32.46 -16.11
CA PRO A 156 -17.90 -31.79 -15.80
C PRO A 156 -19.16 -32.49 -16.33
N LYS A 157 -20.29 -32.16 -15.68
CA LYS A 157 -21.64 -32.62 -16.00
C LYS A 157 -22.43 -31.38 -16.47
N PHE A 158 -22.14 -30.23 -15.83
CA PHE A 158 -22.74 -28.92 -16.10
C PHE A 158 -21.69 -27.82 -16.19
N ILE A 159 -21.80 -27.00 -17.24
CA ILE A 159 -20.85 -25.92 -17.49
C ILE A 159 -21.59 -24.56 -17.53
N LEU A 160 -21.36 -23.76 -16.48
CA LEU A 160 -21.95 -22.44 -16.30
C LEU A 160 -21.05 -21.35 -16.88
N LEU A 161 -21.36 -20.95 -18.11
CA LEU A 161 -20.62 -19.96 -18.87
C LEU A 161 -21.09 -18.54 -18.54
N ASP A 162 -20.31 -17.81 -17.71
CA ASP A 162 -20.62 -16.43 -17.36
C ASP A 162 -20.20 -15.52 -18.51
N GLU A 163 -21.16 -14.72 -19.04
CA GLU A 163 -20.99 -13.78 -20.16
C GLU A 163 -20.02 -14.29 -21.25
N PRO A 164 -20.30 -15.42 -21.97
CA PRO A 164 -19.34 -15.91 -22.96
C PRO A 164 -19.10 -15.00 -24.17
N PHE A 165 -20.02 -14.04 -24.44
CA PHE A 165 -19.88 -13.07 -25.55
C PHE A 165 -19.44 -11.69 -25.01
N ALA A 166 -18.40 -11.68 -24.15
CA ALA A 166 -17.83 -10.49 -23.51
C ALA A 166 -16.96 -9.66 -24.46
N GLY A 167 -17.60 -8.72 -25.16
CA GLY A 167 -16.97 -7.81 -26.11
C GLY A 167 -16.38 -8.51 -27.32
N VAL A 168 -17.06 -9.57 -27.79
CA VAL A 168 -16.64 -10.38 -28.92
C VAL A 168 -17.34 -9.85 -30.18
N ASP A 169 -16.56 -9.58 -31.24
CA ASP A 169 -17.07 -9.08 -32.53
C ASP A 169 -17.91 -10.14 -33.26
N PRO A 170 -18.96 -9.77 -34.04
CA PRO A 170 -19.79 -10.78 -34.75
C PRO A 170 -19.05 -11.81 -35.62
N ILE A 171 -17.83 -11.49 -36.07
CA ILE A 171 -16.97 -12.39 -36.86
C ILE A 171 -16.42 -13.55 -35.99
N SER A 172 -16.20 -13.28 -34.69
CA SER A 172 -15.67 -14.23 -33.72
C SER A 172 -16.75 -14.89 -32.86
N VAL A 173 -18.00 -14.33 -32.83
CA VAL A 173 -19.10 -14.90 -32.04
C VAL A 173 -19.52 -16.28 -32.56
N ILE A 174 -19.45 -16.49 -33.89
CA ILE A 174 -19.81 -17.74 -34.57
C ILE A 174 -18.88 -18.89 -34.16
N ASP A 175 -17.59 -18.59 -33.89
CA ASP A 175 -16.60 -19.57 -33.45
C ASP A 175 -16.81 -19.93 -31.98
N ILE A 176 -17.09 -18.92 -31.12
CA ILE A 176 -17.36 -19.07 -29.69
C ILE A 176 -18.68 -19.82 -29.50
N LYS A 177 -19.67 -19.57 -30.39
CA LYS A 177 -20.98 -20.21 -30.41
C LYS A 177 -20.84 -21.69 -30.76
N ARG A 178 -19.87 -22.03 -31.65
CA ARG A 178 -19.60 -23.41 -32.06
C ARG A 178 -19.01 -24.27 -30.95
N ILE A 179 -18.29 -23.66 -29.98
CA ILE A 179 -17.72 -24.38 -28.83
C ILE A 179 -18.89 -24.88 -27.96
N ILE A 180 -19.89 -24.01 -27.74
CA ILE A 180 -21.11 -24.31 -26.99
C ILE A 180 -21.87 -25.45 -27.68
N GLU A 181 -21.92 -25.42 -29.03
CA GLU A 181 -22.56 -26.45 -29.85
C GLU A 181 -21.75 -27.75 -29.85
N HIS A 182 -20.42 -27.67 -29.65
CA HIS A 182 -19.51 -28.82 -29.56
C HIS A 182 -19.70 -29.53 -28.23
N LEU A 183 -19.81 -28.74 -27.14
CA LEU A 183 -20.01 -29.22 -25.77
C LEU A 183 -21.41 -29.82 -25.62
N ARG A 184 -22.40 -29.20 -26.29
CA ARG A 184 -23.80 -29.63 -26.33
C ARG A 184 -23.89 -31.05 -26.90
N ASP A 185 -23.04 -31.36 -27.91
CA ASP A 185 -22.96 -32.68 -28.57
C ASP A 185 -22.57 -33.79 -27.58
N SER A 186 -21.83 -33.42 -26.50
CA SER A 186 -21.44 -34.32 -25.43
C SER A 186 -22.47 -34.19 -24.30
N GLY A 187 -22.42 -35.09 -23.31
CA GLY A 187 -23.35 -35.10 -22.18
C GLY A 187 -23.13 -34.00 -21.16
N LEU A 188 -23.13 -32.74 -21.63
CA LEU A 188 -22.94 -31.52 -20.83
C LEU A 188 -24.17 -30.61 -20.95
N GLY A 189 -24.56 -30.02 -19.82
CA GLY A 189 -25.65 -29.08 -19.76
C GLY A 189 -25.11 -27.70 -19.52
N VAL A 190 -25.11 -26.85 -20.56
CA VAL A 190 -24.52 -25.50 -20.43
C VAL A 190 -25.58 -24.49 -19.94
N LEU A 191 -25.13 -23.50 -19.17
CA LEU A 191 -25.99 -22.45 -18.67
C LEU A 191 -25.33 -21.13 -19.00
N ILE A 192 -25.91 -20.42 -19.95
CA ILE A 192 -25.40 -19.14 -20.42
C ILE A 192 -26.17 -18.01 -19.69
N THR A 193 -25.52 -16.84 -19.54
CA THR A 193 -26.14 -15.68 -18.87
C THR A 193 -25.75 -14.31 -19.54
N ASP A 194 -25.03 -14.34 -20.69
CA ASP A 194 -24.57 -13.16 -21.43
C ASP A 194 -25.67 -12.16 -21.82
N HIS A 195 -25.32 -10.86 -21.87
CA HIS A 195 -26.21 -9.73 -22.18
C HIS A 195 -26.73 -9.69 -23.61
N ASN A 196 -25.96 -10.17 -24.59
CA ASN A 196 -26.41 -10.19 -25.99
C ASN A 196 -27.39 -11.34 -26.21
N VAL A 197 -28.69 -11.04 -25.97
CA VAL A 197 -29.82 -11.97 -26.09
C VAL A 197 -29.93 -12.58 -27.48
N ARG A 198 -29.56 -11.82 -28.53
CA ARG A 198 -29.60 -12.28 -29.92
C ARG A 198 -28.72 -13.52 -30.16
N GLU A 199 -27.54 -13.55 -29.50
CA GLU A 199 -26.60 -14.67 -29.62
C GLU A 199 -26.84 -15.79 -28.61
N THR A 200 -27.37 -15.45 -27.40
CA THR A 200 -27.69 -16.45 -26.36
C THR A 200 -28.89 -17.31 -26.79
N LEU A 201 -29.92 -16.66 -27.39
CA LEU A 201 -31.13 -17.30 -27.91
C LEU A 201 -30.90 -17.92 -29.30
N ALA A 202 -29.68 -17.77 -29.84
CA ALA A 202 -29.26 -18.35 -31.12
C ALA A 202 -28.74 -19.78 -30.90
N VAL A 203 -28.31 -20.10 -29.66
CA VAL A 203 -27.80 -21.42 -29.28
C VAL A 203 -28.76 -22.20 -28.39
N CYS A 204 -29.27 -21.58 -27.32
CA CYS A 204 -30.14 -22.18 -26.30
C CYS A 204 -31.44 -22.79 -26.84
N GLU A 205 -31.78 -23.98 -26.32
CA GLU A 205 -33.01 -24.72 -26.66
C GLU A 205 -34.15 -24.11 -25.85
N ARG A 206 -33.96 -23.98 -24.52
CA ARG A 206 -34.91 -23.38 -23.58
C ARG A 206 -34.21 -22.21 -22.91
N ALA A 207 -34.97 -21.28 -22.28
CA ALA A 207 -34.40 -20.13 -21.58
C ALA A 207 -35.31 -19.61 -20.47
N TYR A 208 -34.73 -19.38 -19.28
CA TYR A 208 -35.44 -18.85 -18.11
C TYR A 208 -35.17 -17.36 -18.01
N ILE A 209 -36.21 -16.54 -17.84
CA ILE A 209 -36.07 -15.09 -17.73
C ILE A 209 -36.71 -14.58 -16.43
N VAL A 210 -35.90 -13.93 -15.56
CA VAL A 210 -36.33 -13.45 -14.23
C VAL A 210 -36.31 -11.90 -14.10
N SER A 211 -37.36 -11.34 -13.47
CA SER A 211 -37.51 -9.89 -13.23
C SER A 211 -37.80 -9.62 -11.75
N GLN A 212 -37.11 -8.61 -11.17
CA GLN A 212 -37.19 -8.18 -9.76
C GLN A 212 -37.00 -9.33 -8.72
N GLY A 213 -36.55 -10.48 -9.20
CA GLY A 213 -36.28 -11.64 -8.36
C GLY A 213 -37.12 -12.86 -8.62
N HIS A 214 -38.20 -12.70 -9.39
CA HIS A 214 -39.13 -13.79 -9.70
C HIS A 214 -39.13 -14.15 -11.19
N LEU A 215 -39.21 -15.46 -11.49
CA LEU A 215 -39.26 -16.01 -12.86
C LEU A 215 -40.54 -15.52 -13.51
N ILE A 216 -40.46 -15.08 -14.78
CA ILE A 216 -41.64 -14.58 -15.49
C ILE A 216 -41.83 -15.26 -16.85
N ALA A 217 -40.72 -15.64 -17.50
CA ALA A 217 -40.73 -16.32 -18.80
C ALA A 217 -39.86 -17.58 -18.81
N HIS A 218 -40.34 -18.62 -19.49
CA HIS A 218 -39.66 -19.90 -19.65
C HIS A 218 -40.11 -20.59 -20.93
N GLY A 219 -39.16 -21.22 -21.61
CA GLY A 219 -39.40 -21.96 -22.84
C GLY A 219 -38.40 -21.70 -23.94
N THR A 220 -38.73 -22.16 -25.17
CA THR A 220 -37.92 -21.99 -26.38
C THR A 220 -37.81 -20.49 -26.74
N PRO A 221 -36.77 -20.04 -27.49
CA PRO A 221 -36.67 -18.60 -27.84
C PRO A 221 -37.96 -17.97 -28.39
N GLN A 222 -38.65 -18.67 -29.34
CA GLN A 222 -39.90 -18.23 -29.97
C GLN A 222 -41.04 -18.00 -28.96
N GLN A 223 -41.09 -18.83 -27.89
CA GLN A 223 -42.09 -18.75 -26.82
C GLN A 223 -41.86 -17.50 -25.95
N ILE A 224 -40.58 -17.05 -25.85
CA ILE A 224 -40.17 -15.87 -25.08
C ILE A 224 -40.46 -14.60 -25.88
N LEU A 225 -39.97 -14.54 -27.13
CA LEU A 225 -40.14 -13.41 -28.04
C LEU A 225 -41.60 -12.96 -28.16
N GLU A 226 -42.53 -13.94 -28.31
CA GLU A 226 -43.96 -13.70 -28.45
C GLU A 226 -44.69 -13.40 -27.13
N ASP A 227 -44.07 -13.69 -25.97
CA ASP A 227 -44.66 -13.45 -24.65
C ASP A 227 -44.84 -11.96 -24.38
N GLU A 228 -46.08 -11.58 -24.00
CA GLU A 228 -46.50 -10.21 -23.72
C GLU A 228 -45.75 -9.54 -22.56
N GLN A 229 -45.45 -10.29 -21.49
CA GLN A 229 -44.78 -9.76 -20.30
C GLN A 229 -43.34 -9.30 -20.57
N VAL A 230 -42.50 -10.17 -21.19
CA VAL A 230 -41.10 -9.86 -21.51
C VAL A 230 -40.96 -8.82 -22.63
N LYS A 231 -41.96 -8.75 -23.56
CA LYS A 231 -41.98 -7.79 -24.68
C LYS A 231 -42.12 -6.32 -24.22
N ARG A 232 -42.40 -6.10 -22.92
CA ARG A 232 -42.57 -4.77 -22.32
C ARG A 232 -41.52 -4.48 -21.25
N VAL A 233 -41.05 -5.52 -20.53
CA VAL A 233 -40.07 -5.36 -19.44
C VAL A 233 -38.61 -5.68 -19.85
N TYR A 234 -38.41 -6.43 -20.96
CA TYR A 234 -37.05 -6.82 -21.39
C TYR A 234 -36.79 -6.64 -22.88
N LEU A 235 -37.52 -7.37 -23.74
CA LEU A 235 -37.36 -7.40 -25.19
C LEU A 235 -37.59 -6.08 -25.92
N GLY A 236 -38.72 -5.42 -25.67
CA GLY A 236 -39.09 -4.16 -26.33
C GLY A 236 -39.59 -4.35 -27.74
N MET B 1 -25.03 24.11 -38.65
CA MET B 1 -24.43 24.18 -39.98
C MET B 1 -22.89 24.02 -39.96
N ALA B 2 -22.29 23.93 -38.74
CA ALA B 2 -20.86 23.76 -38.49
C ALA B 2 -20.35 22.39 -39.01
N THR B 3 -19.02 22.26 -39.27
CA THR B 3 -18.47 21.00 -39.77
C THR B 3 -17.24 20.52 -38.99
N LEU B 4 -17.21 19.20 -38.65
CA LEU B 4 -16.13 18.52 -37.95
C LEU B 4 -15.55 17.46 -38.87
N THR B 5 -14.32 17.69 -39.36
CA THR B 5 -13.64 16.81 -40.31
C THR B 5 -12.24 16.43 -39.84
N ALA B 6 -11.90 15.14 -39.98
CA ALA B 6 -10.59 14.59 -39.66
C ALA B 6 -9.97 14.12 -40.97
N LYS B 7 -8.75 14.57 -41.27
CA LYS B 7 -8.04 14.25 -42.51
C LYS B 7 -6.75 13.47 -42.25
N ASN B 8 -6.43 12.48 -43.11
CA ASN B 8 -5.20 11.67 -43.11
C ASN B 8 -4.67 11.27 -41.71
N LEU B 9 -5.59 10.94 -40.78
CA LEU B 9 -5.29 10.55 -39.39
C LEU B 9 -4.54 9.22 -39.27
N ALA B 10 -3.52 9.18 -38.38
CA ALA B 10 -2.67 8.00 -38.11
C ALA B 10 -1.96 8.10 -36.75
N LYS B 11 -1.68 6.94 -36.11
CA LYS B 11 -1.00 6.81 -34.80
C LYS B 11 -0.38 5.41 -34.59
N ALA B 12 0.78 5.35 -33.90
CA ALA B 12 1.49 4.12 -33.58
C ALA B 12 2.04 4.16 -32.14
N TYR B 13 1.68 3.14 -31.33
CA TYR B 13 2.10 3.03 -29.93
C TYR B 13 3.32 2.13 -29.79
N LYS B 14 4.47 2.74 -29.39
CA LYS B 14 5.81 2.16 -29.15
C LYS B 14 6.49 1.56 -30.41
N GLY B 15 5.69 1.13 -31.40
CA GLY B 15 6.16 0.52 -32.63
C GLY B 15 5.05 -0.05 -33.48
N ARG B 16 4.02 -0.63 -32.82
CA ARG B 16 2.85 -1.23 -33.46
C ARG B 16 1.93 -0.14 -34.03
N ARG B 17 1.68 -0.17 -35.36
CA ARG B 17 0.81 0.79 -36.05
C ARG B 17 -0.64 0.53 -35.65
N VAL B 18 -1.10 1.27 -34.62
CA VAL B 18 -2.45 1.18 -34.07
C VAL B 18 -3.46 1.59 -35.15
N VAL B 19 -3.29 2.79 -35.72
CA VAL B 19 -4.13 3.32 -36.80
C VAL B 19 -3.26 3.93 -37.90
N GLU B 20 -3.54 3.58 -39.15
CA GLU B 20 -2.85 4.08 -40.34
C GLU B 20 -3.78 5.08 -41.05
N ASP B 21 -3.40 5.57 -42.25
CA ASP B 21 -4.15 6.56 -43.04
C ASP B 21 -5.67 6.34 -43.06
N VAL B 22 -6.41 7.26 -42.41
CA VAL B 22 -7.87 7.25 -42.29
C VAL B 22 -8.43 8.67 -42.20
N SER B 23 -9.54 8.95 -42.90
CA SER B 23 -10.18 10.26 -42.91
C SER B 23 -11.69 10.14 -42.71
N LEU B 24 -12.29 11.07 -41.93
CA LEU B 24 -13.73 11.07 -41.66
C LEU B 24 -14.35 12.48 -41.59
N THR B 25 -15.68 12.56 -41.72
CA THR B 25 -16.47 13.79 -41.71
C THR B 25 -17.78 13.62 -40.94
N VAL B 26 -18.20 14.66 -40.20
CA VAL B 26 -19.45 14.73 -39.44
C VAL B 26 -19.96 16.18 -39.43
N ASN B 27 -21.15 16.42 -40.01
CA ASN B 27 -21.79 17.74 -40.05
C ASN B 27 -22.92 17.85 -39.02
N SER B 28 -23.30 19.09 -38.65
CA SER B 28 -24.32 19.38 -37.64
C SER B 28 -25.69 18.77 -37.93
N GLY B 29 -26.35 18.31 -36.86
CA GLY B 29 -27.69 17.72 -36.89
C GLY B 29 -27.79 16.39 -37.59
N GLU B 30 -26.91 15.42 -37.23
CA GLU B 30 -26.89 14.06 -37.78
C GLU B 30 -26.22 13.05 -36.83
N ILE B 31 -26.33 11.74 -37.15
CA ILE B 31 -25.75 10.63 -36.39
C ILE B 31 -24.68 9.94 -37.26
N VAL B 32 -23.41 10.00 -36.83
CA VAL B 32 -22.27 9.40 -37.54
C VAL B 32 -21.60 8.39 -36.60
N GLY B 33 -21.50 7.15 -37.06
CA GLY B 33 -20.89 6.07 -36.30
C GLY B 33 -19.47 5.77 -36.71
N LEU B 34 -18.68 5.24 -35.76
CA LEU B 34 -17.29 4.84 -35.97
C LEU B 34 -17.08 3.44 -35.36
N LEU B 35 -17.24 2.41 -36.20
CA LEU B 35 -17.13 1.01 -35.79
C LEU B 35 -15.86 0.34 -36.31
N GLY B 36 -15.83 -1.00 -36.26
CA GLY B 36 -14.71 -1.82 -36.69
C GLY B 36 -14.29 -2.85 -35.66
N PRO B 37 -13.28 -3.71 -35.97
CA PRO B 37 -12.85 -4.73 -34.99
C PRO B 37 -12.21 -4.16 -33.71
N ASN B 38 -12.18 -4.99 -32.64
CA ASN B 38 -11.65 -4.64 -31.33
C ASN B 38 -10.22 -4.12 -31.38
N GLY B 39 -10.07 -2.85 -31.01
CA GLY B 39 -8.79 -2.15 -30.96
C GLY B 39 -8.16 -1.79 -32.30
N ALA B 40 -8.40 -2.62 -33.33
CA ALA B 40 -7.88 -2.51 -34.70
C ALA B 40 -7.93 -1.10 -35.30
N GLY B 41 -9.08 -0.44 -35.20
CA GLY B 41 -9.27 0.92 -35.70
C GLY B 41 -10.05 1.80 -34.74
N LYS B 42 -11.33 1.43 -34.52
CA LYS B 42 -12.27 2.13 -33.63
C LYS B 42 -11.75 2.30 -32.19
N THR B 43 -12.34 3.25 -31.44
CA THR B 43 -12.02 3.63 -30.05
C THR B 43 -10.66 4.33 -29.98
N THR B 44 -9.60 3.69 -30.53
CA THR B 44 -8.23 4.21 -30.59
C THR B 44 -8.15 5.44 -31.51
N THR B 45 -8.87 5.41 -32.65
CA THR B 45 -8.93 6.53 -33.61
C THR B 45 -10.00 7.55 -33.20
N PHE B 46 -10.95 7.13 -32.34
CA PHE B 46 -12.03 7.95 -31.80
C PHE B 46 -11.49 9.01 -30.82
N TYR B 47 -10.57 8.63 -29.91
CA TYR B 47 -9.99 9.54 -28.92
C TYR B 47 -9.06 10.59 -29.54
N MET B 48 -8.62 10.37 -30.80
CA MET B 48 -7.81 11.33 -31.54
C MET B 48 -8.74 12.45 -32.00
N VAL B 49 -9.96 12.07 -32.43
CA VAL B 49 -11.06 12.96 -32.87
C VAL B 49 -11.59 13.74 -31.64
N VAL B 50 -11.55 13.11 -30.44
CA VAL B 50 -11.97 13.72 -29.17
C VAL B 50 -10.86 14.70 -28.67
N GLY B 51 -9.60 14.27 -28.81
CA GLY B 51 -8.43 15.07 -28.43
C GLY B 51 -7.57 14.51 -27.32
N ILE B 52 -7.88 13.29 -26.84
CA ILE B 52 -7.14 12.63 -25.77
C ILE B 52 -5.85 12.00 -26.32
N VAL B 53 -5.98 11.03 -27.25
CA VAL B 53 -4.85 10.35 -27.89
C VAL B 53 -4.16 11.33 -28.88
N PRO B 54 -2.81 11.52 -28.79
CA PRO B 54 -2.14 12.50 -29.67
C PRO B 54 -2.16 12.16 -31.16
N ARG B 55 -2.06 13.21 -31.99
CA ARG B 55 -2.04 13.11 -33.45
C ARG B 55 -0.58 12.99 -33.94
N ASP B 56 -0.34 12.01 -34.83
CA ASP B 56 0.97 11.77 -35.43
C ASP B 56 1.01 12.29 -36.88
N ALA B 57 -0.11 12.10 -37.61
CA ALA B 57 -0.28 12.51 -39.00
C ALA B 57 -1.69 13.02 -39.24
N GLY B 58 -1.82 13.94 -40.20
CA GLY B 58 -3.09 14.51 -40.59
C GLY B 58 -3.48 15.78 -39.86
N ASN B 59 -4.78 16.13 -39.92
CA ASN B 59 -5.33 17.34 -39.32
C ASN B 59 -6.82 17.22 -38.98
N ILE B 60 -7.26 17.86 -37.88
CA ILE B 60 -8.66 17.89 -37.43
C ILE B 60 -9.19 19.34 -37.53
N ILE B 61 -10.35 19.52 -38.19
CA ILE B 61 -10.97 20.82 -38.48
C ILE B 61 -12.38 20.96 -37.88
N ILE B 62 -12.71 22.15 -37.31
CA ILE B 62 -14.01 22.51 -36.74
C ILE B 62 -14.42 23.93 -37.20
N ASP B 63 -15.68 24.10 -37.72
CA ASP B 63 -16.21 25.39 -38.22
C ASP B 63 -15.28 26.06 -39.24
N ASP B 64 -14.55 25.23 -40.03
CA ASP B 64 -13.54 25.63 -41.04
C ASP B 64 -12.25 26.21 -40.39
N GLU B 65 -11.98 25.83 -39.12
CA GLU B 65 -10.82 26.25 -38.32
C GLU B 65 -10.01 25.01 -37.88
N ASP B 66 -8.68 25.15 -37.78
CA ASP B 66 -7.76 24.09 -37.37
C ASP B 66 -7.81 23.84 -35.86
N ILE B 67 -7.89 22.54 -35.45
CA ILE B 67 -7.91 22.14 -34.03
C ILE B 67 -6.97 20.98 -33.71
N SER B 68 -6.26 20.43 -34.72
CA SER B 68 -5.29 19.33 -34.58
C SER B 68 -4.20 19.59 -33.52
N LEU B 69 -4.02 20.87 -33.12
CA LEU B 69 -3.08 21.33 -32.10
C LEU B 69 -3.76 21.25 -30.73
N LEU B 70 -4.99 21.81 -30.64
CA LEU B 70 -5.86 21.92 -29.47
C LEU B 70 -6.16 20.55 -28.84
N PRO B 71 -5.79 20.30 -27.55
CA PRO B 71 -6.12 19.01 -26.93
C PRO B 71 -7.54 19.01 -26.34
N LEU B 72 -7.88 18.02 -25.47
CA LEU B 72 -9.18 17.89 -24.79
C LEU B 72 -9.59 19.19 -24.07
N HIS B 73 -8.58 19.95 -23.61
CA HIS B 73 -8.60 21.24 -22.90
C HIS B 73 -9.68 22.21 -23.39
N ALA B 74 -9.41 22.97 -24.48
CA ALA B 74 -10.31 23.99 -25.02
C ALA B 74 -10.97 23.63 -26.36
N ARG B 75 -11.23 22.32 -26.60
CA ARG B 75 -11.91 21.89 -27.82
C ARG B 75 -13.41 22.13 -27.68
N ALA B 76 -13.92 22.03 -26.43
CA ALA B 76 -15.31 22.22 -26.06
C ALA B 76 -15.85 23.64 -26.22
N ARG B 77 -14.95 24.64 -26.33
CA ARG B 77 -15.29 26.07 -26.46
C ARG B 77 -16.05 26.44 -27.73
N ARG B 78 -15.74 25.81 -28.89
CA ARG B 78 -16.45 26.09 -30.14
C ARG B 78 -17.59 25.09 -30.38
N GLY B 79 -17.28 23.79 -30.35
CA GLY B 79 -18.28 22.75 -30.56
C GLY B 79 -17.81 21.33 -30.41
N ILE B 80 -17.28 20.98 -29.24
CA ILE B 80 -16.86 19.60 -28.96
C ILE B 80 -17.48 19.15 -27.64
N GLY B 81 -18.24 18.07 -27.71
CA GLY B 81 -18.89 17.49 -26.55
C GLY B 81 -18.40 16.08 -26.36
N TYR B 82 -18.12 15.68 -25.11
CA TYR B 82 -17.67 14.31 -24.85
C TYR B 82 -18.38 13.70 -23.65
N LEU B 83 -18.94 12.51 -23.90
CA LEU B 83 -19.64 11.71 -22.90
C LEU B 83 -18.93 10.34 -22.81
N PRO B 84 -18.10 10.11 -21.76
CA PRO B 84 -17.45 8.80 -21.64
C PRO B 84 -18.46 7.74 -21.18
N GLN B 85 -18.12 6.45 -21.34
CA GLN B 85 -19.00 5.36 -20.93
C GLN B 85 -19.15 5.38 -19.41
N GLU B 86 -18.01 5.51 -18.68
CA GLU B 86 -17.91 5.52 -17.23
C GLU B 86 -18.71 6.61 -16.54
N ALA B 87 -19.35 6.25 -15.40
CA ALA B 87 -20.17 7.13 -14.56
C ALA B 87 -19.36 8.34 -14.06
N SER B 88 -19.38 9.42 -14.86
CA SER B 88 -18.65 10.66 -14.60
C SER B 88 -19.52 11.78 -13.99
N ILE B 89 -20.58 11.41 -13.24
CA ILE B 89 -21.45 12.37 -12.54
C ILE B 89 -20.72 12.93 -11.30
N PHE B 90 -20.95 14.21 -10.96
CA PHE B 90 -20.29 14.82 -9.81
C PHE B 90 -20.97 14.42 -8.49
N ARG B 91 -20.35 13.43 -7.81
CA ARG B 91 -20.74 12.78 -6.56
C ARG B 91 -21.39 13.69 -5.51
N ARG B 92 -20.60 14.59 -4.90
CA ARG B 92 -21.06 15.49 -3.84
C ARG B 92 -21.52 16.86 -4.38
N LEU B 93 -22.22 16.85 -5.53
CA LEU B 93 -22.78 18.02 -6.20
C LEU B 93 -24.22 17.73 -6.61
N SER B 94 -25.17 18.58 -6.18
CA SER B 94 -26.61 18.47 -6.49
C SER B 94 -26.85 18.64 -7.98
N VAL B 95 -27.98 18.10 -8.50
CA VAL B 95 -28.33 18.17 -9.94
C VAL B 95 -28.24 19.62 -10.46
N TYR B 96 -28.90 20.59 -9.79
CA TYR B 96 -28.87 22.00 -10.18
C TYR B 96 -27.46 22.59 -10.07
N ASP B 97 -26.71 22.17 -9.04
CA ASP B 97 -25.36 22.63 -8.76
C ASP B 97 -24.35 22.22 -9.84
N ASN B 98 -24.16 20.90 -10.10
CA ASN B 98 -23.21 20.40 -11.10
C ASN B 98 -23.53 20.85 -12.53
N LEU B 99 -24.82 21.13 -12.83
CA LEU B 99 -25.24 21.62 -14.13
C LEU B 99 -24.79 23.08 -14.30
N MET B 100 -25.06 23.92 -13.29
CA MET B 100 -24.73 25.35 -13.28
C MET B 100 -23.25 25.64 -13.10
N ALA B 101 -22.54 24.87 -12.24
CA ALA B 101 -21.11 25.01 -11.94
C ALA B 101 -20.19 24.83 -13.17
N VAL B 102 -20.72 24.20 -14.23
CA VAL B 102 -20.04 23.94 -15.50
C VAL B 102 -20.56 24.88 -16.60
N LEU B 103 -21.74 25.48 -16.35
CA LEU B 103 -22.40 26.44 -17.24
C LEU B 103 -21.86 27.86 -16.98
N GLN B 104 -21.49 28.18 -15.70
CA GLN B 104 -20.91 29.47 -15.33
C GLN B 104 -19.45 29.58 -15.78
N ILE B 105 -18.90 28.47 -16.31
CA ILE B 105 -17.57 28.36 -16.90
C ILE B 105 -17.63 29.11 -18.24
N ARG B 106 -18.78 28.99 -18.94
CA ARG B 106 -19.06 29.68 -20.19
C ARG B 106 -19.42 31.12 -19.85
N ASP B 107 -18.52 32.05 -20.21
CA ASP B 107 -18.64 33.49 -19.96
C ASP B 107 -19.66 34.19 -20.86
N ASP B 108 -19.97 33.60 -22.02
CA ASP B 108 -20.88 34.16 -23.02
C ASP B 108 -22.38 33.99 -22.66
N LEU B 109 -22.73 34.27 -21.37
CA LEU B 109 -24.09 34.20 -20.84
C LEU B 109 -24.24 35.01 -19.55
N THR B 110 -25.40 35.68 -19.40
CA THR B 110 -25.74 36.54 -18.25
C THR B 110 -25.82 35.75 -16.94
N SER B 111 -25.51 36.43 -15.80
CA SER B 111 -25.50 35.91 -14.42
C SER B 111 -26.80 35.21 -14.02
N GLU B 112 -27.95 35.72 -14.48
CA GLU B 112 -29.25 35.15 -14.16
C GLU B 112 -29.84 34.40 -15.36
N GLN B 113 -29.18 34.50 -16.54
CA GLN B 113 -29.56 33.77 -17.76
C GLN B 113 -29.12 32.31 -17.63
N ARG B 114 -28.09 32.05 -16.79
CA ARG B 114 -27.54 30.73 -16.49
C ARG B 114 -28.59 29.93 -15.69
N GLU B 115 -29.36 30.63 -14.83
CA GLU B 115 -30.44 30.05 -14.04
C GLU B 115 -31.61 29.73 -14.97
N ASP B 116 -31.84 30.58 -15.99
CA ASP B 116 -32.89 30.43 -17.01
C ASP B 116 -32.56 29.30 -17.98
N ARG B 117 -31.26 29.02 -18.21
CA ARG B 117 -30.76 27.94 -19.06
C ARG B 117 -30.81 26.63 -18.28
N ALA B 118 -30.61 26.70 -16.94
CA ALA B 118 -30.65 25.54 -16.04
C ALA B 118 -32.06 24.98 -15.94
N LYS B 119 -33.07 25.85 -15.65
CA LYS B 119 -34.50 25.50 -15.55
C LYS B 119 -35.06 25.01 -16.89
N GLU B 120 -34.40 25.41 -18.02
CA GLU B 120 -34.71 25.02 -19.41
C GLU B 120 -34.19 23.60 -19.64
N LEU B 121 -32.99 23.31 -19.10
CA LEU B 121 -32.33 22.01 -19.16
C LEU B 121 -33.02 21.02 -18.19
N MET B 122 -33.75 21.56 -17.20
CA MET B 122 -34.55 20.81 -16.22
C MET B 122 -35.84 20.30 -16.85
N GLU B 123 -36.34 21.00 -17.89
CA GLU B 123 -37.57 20.67 -18.62
C GLU B 123 -37.29 19.84 -19.88
N GLU B 124 -36.20 20.17 -20.61
CA GLU B 124 -35.78 19.50 -21.86
C GLU B 124 -35.50 18.01 -21.63
N PHE B 125 -34.86 17.67 -20.49
CA PHE B 125 -34.49 16.31 -20.11
C PHE B 125 -35.31 15.71 -18.95
N HIS B 126 -36.24 16.50 -18.34
CA HIS B 126 -37.10 16.11 -17.21
C HIS B 126 -36.28 15.74 -15.96
N ILE B 127 -35.56 16.72 -15.36
CA ILE B 127 -34.72 16.50 -14.18
C ILE B 127 -35.14 17.44 -13.02
N GLU B 128 -36.26 18.18 -13.20
CA GLU B 128 -36.86 19.15 -12.26
C GLU B 128 -37.05 18.62 -10.84
N HIS B 129 -37.51 17.36 -10.73
CA HIS B 129 -37.75 16.66 -9.47
C HIS B 129 -36.44 16.27 -8.78
N LEU B 130 -35.33 16.27 -9.53
CA LEU B 130 -34.02 15.90 -9.02
C LEU B 130 -33.11 17.09 -8.67
N ARG B 131 -33.57 18.34 -8.99
CA ARG B 131 -32.90 19.64 -8.73
C ARG B 131 -32.01 19.67 -7.46
N ASP B 132 -32.58 19.24 -6.33
CA ASP B 132 -31.92 19.22 -5.02
C ASP B 132 -31.05 17.98 -4.78
N SER B 133 -31.45 16.81 -5.33
CA SER B 133 -30.77 15.52 -5.16
C SER B 133 -29.31 15.52 -5.59
N LEU B 134 -28.46 14.88 -4.77
CA LEU B 134 -27.02 14.74 -4.93
C LEU B 134 -26.66 13.73 -6.03
N GLY B 135 -25.47 13.88 -6.60
CA GLY B 135 -24.93 12.98 -7.62
C GLY B 135 -24.64 11.60 -7.08
N GLN B 136 -24.52 10.60 -7.98
CA GLN B 136 -24.26 9.18 -7.69
C GLN B 136 -25.41 8.52 -6.88
N ALA B 137 -26.45 9.30 -6.55
CA ALA B 137 -27.65 8.87 -5.85
C ALA B 137 -28.82 8.81 -6.87
N LEU B 138 -28.47 8.50 -8.15
CA LEU B 138 -29.37 8.40 -9.30
C LEU B 138 -29.18 7.07 -10.01
N SER B 139 -30.27 6.53 -10.62
CA SER B 139 -30.25 5.27 -11.38
C SER B 139 -29.49 5.43 -12.70
N GLY B 140 -29.26 4.32 -13.41
CA GLY B 140 -28.55 4.27 -14.69
C GLY B 140 -29.05 5.25 -15.74
N GLY B 141 -30.37 5.26 -15.95
CA GLY B 141 -31.04 6.15 -16.89
C GLY B 141 -31.11 7.57 -16.38
N GLU B 142 -31.21 7.73 -15.04
CA GLU B 142 -31.27 9.02 -14.34
C GLU B 142 -29.94 9.76 -14.46
N ARG B 143 -28.82 9.05 -14.23
CA ARG B 143 -27.45 9.54 -14.31
C ARG B 143 -27.11 9.88 -15.76
N ARG B 144 -27.61 9.07 -16.73
CA ARG B 144 -27.40 9.25 -18.17
C ARG B 144 -27.88 10.63 -18.65
N ARG B 145 -29.16 10.98 -18.38
CA ARG B 145 -29.76 12.27 -18.74
C ARG B 145 -29.10 13.47 -18.04
N VAL B 146 -28.47 13.26 -16.86
CA VAL B 146 -27.76 14.33 -16.14
C VAL B 146 -26.42 14.59 -16.86
N GLU B 147 -25.73 13.53 -17.30
CA GLU B 147 -24.46 13.59 -18.02
C GLU B 147 -24.59 14.34 -19.36
N ILE B 148 -25.68 14.06 -20.13
CA ILE B 148 -25.98 14.67 -21.42
C ILE B 148 -26.29 16.16 -21.24
N ALA B 149 -27.22 16.49 -20.31
CA ALA B 149 -27.62 17.86 -20.02
C ALA B 149 -26.46 18.72 -19.51
N ARG B 150 -25.58 18.14 -18.65
CA ARG B 150 -24.41 18.84 -18.10
C ARG B 150 -23.37 19.15 -19.17
N ALA B 151 -23.07 18.17 -20.06
CA ALA B 151 -22.10 18.33 -21.15
C ALA B 151 -22.58 19.32 -22.22
N LEU B 152 -23.91 19.46 -22.38
CA LEU B 152 -24.53 20.38 -23.33
C LEU B 152 -24.56 21.82 -22.82
N ALA B 153 -24.29 22.02 -21.50
CA ALA B 153 -24.26 23.34 -20.84
C ALA B 153 -22.96 24.12 -21.17
N ALA B 154 -22.61 24.17 -22.46
CA ALA B 154 -21.44 24.83 -23.04
C ALA B 154 -21.71 25.12 -24.52
N ASN B 155 -22.96 24.81 -24.98
CA ASN B 155 -23.46 24.93 -26.36
C ASN B 155 -22.55 24.21 -27.39
N PRO B 156 -22.09 22.96 -27.15
CA PRO B 156 -21.21 22.32 -28.13
C PRO B 156 -21.94 21.41 -29.12
N LYS B 157 -21.49 21.44 -30.39
CA LYS B 157 -21.99 20.57 -31.46
C LYS B 157 -21.10 19.31 -31.43
N PHE B 158 -21.33 18.36 -32.37
CA PHE B 158 -20.55 17.12 -32.51
C PHE B 158 -20.29 16.39 -31.18
N ILE B 159 -21.37 15.93 -30.54
CA ILE B 159 -21.34 15.22 -29.27
C ILE B 159 -20.75 13.83 -29.48
N LEU B 160 -19.46 13.69 -29.18
CA LEU B 160 -18.68 12.45 -29.27
C LEU B 160 -19.07 11.56 -28.09
N LEU B 161 -19.59 10.36 -28.40
CA LEU B 161 -20.08 9.43 -27.39
C LEU B 161 -19.32 8.11 -27.40
N ASP B 162 -18.61 7.79 -26.31
CA ASP B 162 -17.90 6.53 -26.17
C ASP B 162 -18.87 5.50 -25.59
N GLU B 163 -19.02 4.35 -26.30
CA GLU B 163 -19.90 3.22 -25.96
C GLU B 163 -21.23 3.68 -25.28
N PRO B 164 -22.12 4.45 -25.95
CA PRO B 164 -23.36 4.89 -25.28
C PRO B 164 -24.29 3.77 -24.83
N PHE B 165 -24.15 2.57 -25.44
CA PHE B 165 -24.93 1.39 -25.09
C PHE B 165 -24.12 0.42 -24.21
N ALA B 166 -23.97 0.78 -22.92
CA ALA B 166 -23.24 0.00 -21.92
C ALA B 166 -24.16 -1.05 -21.31
N GLY B 167 -25.22 -0.59 -20.64
CA GLY B 167 -26.23 -1.44 -20.02
C GLY B 167 -27.16 -1.99 -21.08
N VAL B 168 -26.71 -3.07 -21.74
CA VAL B 168 -27.42 -3.74 -22.83
C VAL B 168 -28.71 -4.38 -22.32
N ASP B 169 -29.77 -3.55 -22.24
CA ASP B 169 -31.11 -3.94 -21.85
C ASP B 169 -31.96 -3.51 -23.05
N PRO B 170 -32.47 -4.49 -23.86
CA PRO B 170 -33.19 -4.15 -25.10
C PRO B 170 -34.32 -3.12 -24.99
N ILE B 171 -34.89 -2.95 -23.78
CA ILE B 171 -35.94 -1.96 -23.51
C ILE B 171 -35.32 -0.57 -23.23
N SER B 172 -34.16 -0.54 -22.54
CA SER B 172 -33.45 0.69 -22.17
C SER B 172 -32.79 1.40 -23.36
N VAL B 173 -32.31 0.63 -24.36
CA VAL B 173 -31.62 1.16 -25.54
C VAL B 173 -32.52 1.99 -26.45
N ILE B 174 -33.85 1.72 -26.45
CA ILE B 174 -34.86 2.42 -27.27
C ILE B 174 -34.94 3.90 -26.90
N ASP B 175 -35.02 4.22 -25.59
CA ASP B 175 -35.07 5.59 -25.08
C ASP B 175 -33.71 6.31 -25.24
N ILE B 176 -32.59 5.58 -25.09
CA ILE B 176 -31.23 6.11 -25.27
C ILE B 176 -31.00 6.43 -26.75
N LYS B 177 -31.53 5.59 -27.66
CA LYS B 177 -31.46 5.79 -29.10
C LYS B 177 -32.35 6.97 -29.52
N ARG B 178 -33.45 7.23 -28.77
CA ARG B 178 -34.41 8.30 -29.02
C ARG B 178 -33.90 9.69 -28.66
N ILE B 179 -33.13 9.80 -27.56
CA ILE B 179 -32.53 11.07 -27.11
C ILE B 179 -31.32 11.44 -27.98
N ILE B 180 -30.66 10.41 -28.58
CA ILE B 180 -29.54 10.57 -29.51
C ILE B 180 -30.09 11.28 -30.78
N GLU B 181 -31.29 10.88 -31.22
CA GLU B 181 -32.00 11.47 -32.35
C GLU B 181 -32.54 12.86 -31.99
N HIS B 182 -32.74 13.13 -30.69
CA HIS B 182 -33.20 14.43 -30.21
C HIS B 182 -32.05 15.43 -30.32
N LEU B 183 -30.80 14.95 -30.16
CA LEU B 183 -29.59 15.78 -30.31
C LEU B 183 -29.42 16.16 -31.78
N ARG B 184 -29.86 15.27 -32.68
CA ARG B 184 -29.88 15.47 -34.14
C ARG B 184 -30.94 16.53 -34.47
N ASP B 185 -32.13 16.43 -33.82
CA ASP B 185 -33.27 17.36 -33.95
C ASP B 185 -32.89 18.80 -33.56
N SER B 186 -32.11 18.95 -32.46
CA SER B 186 -31.63 20.24 -31.98
C SER B 186 -30.49 20.83 -32.84
N GLY B 187 -30.19 20.16 -33.95
CA GLY B 187 -29.17 20.56 -34.92
C GLY B 187 -27.73 20.43 -34.45
N LEU B 188 -27.43 19.36 -33.69
CA LEU B 188 -26.09 19.09 -33.17
C LEU B 188 -25.59 17.77 -33.72
N GLY B 189 -24.30 17.70 -34.05
CA GLY B 189 -23.66 16.49 -34.56
C GLY B 189 -23.58 15.42 -33.49
N VAL B 190 -23.63 14.14 -33.89
CA VAL B 190 -23.58 13.00 -32.95
C VAL B 190 -22.60 11.94 -33.45
N LEU B 191 -21.54 11.68 -32.67
CA LEU B 191 -20.58 10.63 -33.00
C LEU B 191 -20.71 9.49 -31.99
N ILE B 192 -20.77 8.26 -32.50
CA ILE B 192 -20.92 7.06 -31.67
C ILE B 192 -19.83 6.04 -32.03
N THR B 193 -19.32 5.28 -31.02
CA THR B 193 -18.27 4.28 -31.23
C THR B 193 -18.57 2.93 -30.53
N ASP B 194 -19.82 2.73 -30.05
CA ASP B 194 -20.28 1.52 -29.35
C ASP B 194 -20.06 0.22 -30.13
N HIS B 195 -19.74 -0.87 -29.39
CA HIS B 195 -19.48 -2.21 -29.91
C HIS B 195 -20.67 -2.80 -30.68
N ASN B 196 -21.89 -2.71 -30.09
CA ASN B 196 -23.14 -3.23 -30.65
C ASN B 196 -23.58 -2.48 -31.91
N VAL B 197 -23.34 -3.11 -33.07
CA VAL B 197 -23.69 -2.54 -34.38
C VAL B 197 -25.20 -2.56 -34.63
N ARG B 198 -25.93 -3.51 -34.01
CA ARG B 198 -27.39 -3.67 -34.17
C ARG B 198 -28.20 -2.46 -33.69
N GLU B 199 -27.71 -1.72 -32.67
CA GLU B 199 -28.41 -0.53 -32.17
C GLU B 199 -27.80 0.78 -32.66
N THR B 200 -26.52 0.77 -33.07
CA THR B 200 -25.84 1.96 -33.59
C THR B 200 -26.26 2.22 -35.03
N LEU B 201 -26.19 1.20 -35.92
CA LEU B 201 -26.60 1.32 -37.32
C LEU B 201 -28.11 1.50 -37.48
N ALA B 202 -28.88 1.30 -36.40
CA ALA B 202 -30.33 1.47 -36.33
C ALA B 202 -30.70 2.96 -36.22
N VAL B 203 -29.76 3.79 -35.72
CA VAL B 203 -29.92 5.24 -35.52
C VAL B 203 -29.04 6.06 -36.51
N CYS B 204 -27.95 5.47 -37.00
CA CYS B 204 -27.00 6.10 -37.90
C CYS B 204 -27.53 6.41 -39.30
N GLU B 205 -27.09 7.55 -39.86
CA GLU B 205 -27.39 8.02 -41.21
C GLU B 205 -26.28 7.51 -42.13
N ARG B 206 -25.02 7.62 -41.65
CA ARG B 206 -23.81 7.17 -42.33
C ARG B 206 -22.74 6.82 -41.28
N ALA B 207 -22.19 5.60 -41.36
CA ALA B 207 -21.21 5.15 -40.38
C ALA B 207 -19.91 4.69 -41.01
N TYR B 208 -18.79 5.16 -40.47
CA TYR B 208 -17.43 4.82 -40.89
C TYR B 208 -17.02 3.52 -40.22
N ILE B 209 -16.34 2.64 -40.97
CA ILE B 209 -15.84 1.35 -40.48
C ILE B 209 -14.35 1.29 -40.78
N VAL B 210 -13.53 1.12 -39.72
CA VAL B 210 -12.07 1.09 -39.82
C VAL B 210 -11.49 -0.24 -39.31
N SER B 211 -10.71 -0.91 -40.18
CA SER B 211 -10.05 -2.20 -39.94
C SER B 211 -8.55 -2.11 -40.23
N GLN B 212 -7.71 -2.62 -39.30
CA GLN B 212 -6.24 -2.64 -39.35
C GLN B 212 -5.58 -1.23 -39.33
N GLY B 213 -6.38 -0.20 -39.60
CA GLY B 213 -5.96 1.20 -39.61
C GLY B 213 -6.53 1.99 -40.77
N HIS B 214 -6.63 1.35 -41.95
CA HIS B 214 -7.14 1.96 -43.19
C HIS B 214 -8.66 1.85 -43.30
N LEU B 215 -9.34 2.96 -43.67
CA LEU B 215 -10.80 3.04 -43.85
C LEU B 215 -11.26 2.11 -44.96
N ILE B 216 -12.31 1.31 -44.69
CA ILE B 216 -12.81 0.34 -45.67
C ILE B 216 -14.27 0.57 -46.07
N ALA B 217 -15.12 1.05 -45.15
CA ALA B 217 -16.56 1.26 -45.43
C ALA B 217 -17.12 2.57 -44.90
N HIS B 218 -18.03 3.19 -45.68
CA HIS B 218 -18.74 4.43 -45.36
C HIS B 218 -20.03 4.57 -46.17
N GLY B 219 -21.04 5.18 -45.55
CA GLY B 219 -22.35 5.43 -46.15
C GLY B 219 -23.48 4.83 -45.34
N THR B 220 -24.69 4.78 -45.95
CA THR B 220 -25.92 4.23 -45.36
C THR B 220 -25.69 2.79 -44.84
N PRO B 221 -26.25 2.39 -43.66
CA PRO B 221 -26.01 1.03 -43.14
C PRO B 221 -26.42 -0.12 -44.07
N GLN B 222 -27.40 0.11 -44.98
CA GLN B 222 -27.88 -0.86 -45.97
C GLN B 222 -26.75 -1.20 -46.97
N GLN B 223 -25.91 -0.21 -47.30
CA GLN B 223 -24.75 -0.32 -48.20
C GLN B 223 -23.61 -1.04 -47.46
N ILE B 224 -23.57 -0.94 -46.12
CA ILE B 224 -22.56 -1.59 -45.29
C ILE B 224 -22.85 -3.09 -45.21
N LEU B 225 -24.09 -3.49 -44.83
CA LEU B 225 -24.50 -4.90 -44.74
C LEU B 225 -24.36 -5.63 -46.07
N GLU B 226 -24.62 -4.93 -47.20
CA GLU B 226 -24.53 -5.47 -48.55
C GLU B 226 -23.07 -5.59 -49.03
N ASP B 227 -22.14 -4.81 -48.43
CA ASP B 227 -20.71 -4.82 -48.76
C ASP B 227 -20.06 -6.16 -48.40
N GLU B 228 -19.33 -6.74 -49.36
CA GLU B 228 -18.68 -8.04 -49.23
C GLU B 228 -17.42 -8.05 -48.35
N GLN B 229 -16.54 -7.03 -48.49
CA GLN B 229 -15.28 -6.96 -47.72
C GLN B 229 -15.49 -6.67 -46.22
N VAL B 230 -16.61 -6.02 -45.84
CA VAL B 230 -16.93 -5.73 -44.43
C VAL B 230 -17.45 -7.01 -43.74
N LYS B 231 -18.00 -7.95 -44.53
CA LYS B 231 -18.48 -9.25 -44.07
C LYS B 231 -17.29 -10.18 -43.81
N ARG B 232 -16.18 -9.99 -44.57
CA ARG B 232 -14.94 -10.77 -44.50
C ARG B 232 -14.14 -10.57 -43.21
N VAL B 233 -14.33 -9.42 -42.52
CA VAL B 233 -13.57 -9.11 -41.31
C VAL B 233 -14.41 -8.64 -40.10
N TYR B 234 -15.73 -8.39 -40.26
CA TYR B 234 -16.51 -7.91 -39.11
C TYR B 234 -17.89 -8.57 -38.91
N LEU B 235 -18.76 -8.63 -39.94
CA LEU B 235 -20.10 -9.18 -39.76
C LEU B 235 -20.27 -10.63 -40.25
N GLY B 236 -20.30 -10.83 -41.58
CA GLY B 236 -20.46 -12.14 -42.19
C GLY B 236 -21.86 -12.72 -42.03
N GLU B 237 -22.85 -12.04 -42.64
CA GLU B 237 -24.26 -12.44 -42.60
C GLU B 237 -24.55 -13.56 -43.60
N ILE C 2 -17.71 27.76 -9.63
CA ILE C 2 -17.89 27.21 -8.28
C ILE C 2 -17.49 25.70 -8.19
N ILE C 3 -16.91 25.16 -9.28
CA ILE C 3 -16.39 23.78 -9.33
C ILE C 3 -15.15 23.65 -8.46
N ILE C 4 -14.50 24.80 -8.15
CA ILE C 4 -13.33 24.92 -7.27
C ILE C 4 -13.79 24.54 -5.84
N ARG C 5 -15.00 25.00 -5.42
CA ARG C 5 -15.63 24.74 -4.12
C ARG C 5 -15.80 23.23 -3.89
N TYR C 6 -16.09 22.47 -4.96
CA TYR C 6 -16.24 21.01 -4.94
C TYR C 6 -14.87 20.38 -4.72
N LEU C 7 -13.86 20.82 -5.48
CA LEU C 7 -12.48 20.34 -5.40
C LEU C 7 -11.87 20.54 -3.99
N VAL C 8 -12.11 21.70 -3.36
CA VAL C 8 -11.58 22.00 -2.01
C VAL C 8 -12.36 21.25 -0.93
N ARG C 9 -13.64 20.90 -1.18
CA ARG C 9 -14.47 20.15 -0.24
C ARG C 9 -13.92 18.72 -0.09
N GLU C 10 -13.44 18.13 -1.20
CA GLU C 10 -12.86 16.79 -1.25
C GLU C 10 -11.51 16.71 -0.52
N THR C 11 -10.64 17.72 -0.73
CA THR C 11 -9.32 17.79 -0.10
C THR C 11 -9.40 18.01 1.40
N LEU C 12 -10.47 18.70 1.89
CA LEU C 12 -10.70 18.92 3.32
C LEU C 12 -11.13 17.60 3.97
N LYS C 13 -11.88 16.78 3.21
CA LYS C 13 -12.37 15.46 3.62
C LYS C 13 -11.20 14.46 3.75
N SER C 14 -10.17 14.60 2.88
CA SER C 14 -9.00 13.70 2.85
C SER C 14 -7.81 14.17 3.68
N GLN C 15 -7.30 15.40 3.44
CA GLN C 15 -6.14 15.98 4.14
C GLN C 15 -6.37 16.02 5.66
N LEU C 16 -7.54 16.52 6.11
CA LEU C 16 -7.91 16.61 7.53
C LEU C 16 -8.32 15.27 8.15
N ALA C 17 -8.16 14.17 7.41
CA ALA C 17 -8.41 12.80 7.86
C ALA C 17 -7.09 12.05 7.89
N ILE C 18 -6.26 12.22 6.83
CA ILE C 18 -4.93 11.59 6.76
C ILE C 18 -3.95 12.30 7.68
N LEU C 19 -4.25 13.57 8.05
CA LEU C 19 -3.47 14.36 9.00
C LEU C 19 -3.61 13.70 10.36
N PHE C 20 -4.83 13.23 10.70
CA PHE C 20 -5.12 12.53 11.93
C PHE C 20 -4.38 11.18 11.94
N ILE C 21 -4.33 10.48 10.77
CA ILE C 21 -3.65 9.19 10.61
C ILE C 21 -2.13 9.35 10.70
N LEU C 22 -1.56 10.39 10.04
CA LEU C 22 -0.11 10.69 10.07
C LEU C 22 0.36 11.09 11.46
N LEU C 23 -0.50 11.78 12.22
CA LEU C 23 -0.22 12.16 13.61
C LEU C 23 0.13 10.88 14.39
N LEU C 24 -0.69 9.83 14.23
CA LEU C 24 -0.57 8.52 14.88
C LEU C 24 0.67 7.73 14.48
N ILE C 25 1.06 7.73 13.19
CA ILE C 25 2.25 7.01 12.72
C ILE C 25 3.48 7.68 13.34
N PHE C 26 3.56 9.03 13.23
CA PHE C 26 4.63 9.86 13.78
C PHE C 26 4.72 9.76 15.31
N PHE C 27 3.56 9.71 15.98
CA PHE C 27 3.39 9.55 17.42
C PHE C 27 4.08 8.28 17.89
N CYS C 28 3.87 7.18 17.14
CA CYS C 28 4.44 5.85 17.41
C CYS C 28 5.95 5.88 17.35
N GLN C 29 6.52 6.43 16.25
CA GLN C 29 7.97 6.52 16.09
C GLN C 29 8.58 7.43 17.17
N LYS C 30 7.86 8.51 17.55
CA LYS C 30 8.26 9.40 18.63
C LYS C 30 8.20 8.64 19.96
N LEU C 31 7.25 7.71 20.10
CA LEU C 31 7.15 6.91 21.31
C LEU C 31 8.25 5.84 21.37
N VAL C 32 8.79 5.40 20.19
CA VAL C 32 9.88 4.41 20.14
C VAL C 32 11.13 5.00 20.79
N ARG C 33 11.59 6.17 20.29
CA ARG C 33 12.79 6.87 20.77
C ARG C 33 12.66 7.33 22.25
N ILE C 34 11.45 7.72 22.70
CA ILE C 34 11.23 8.10 24.10
C ILE C 34 11.29 6.84 24.99
N LEU C 35 10.89 5.67 24.45
CA LEU C 35 10.99 4.39 25.15
C LEU C 35 12.44 3.90 25.16
N GLY C 36 13.16 4.20 24.07
CA GLY C 36 14.58 3.85 23.90
C GLY C 36 15.46 4.54 24.92
N ALA C 37 15.19 5.85 25.15
CA ALA C 37 15.90 6.69 26.13
C ALA C 37 15.55 6.30 27.58
N ALA C 38 14.37 5.68 27.79
CA ALA C 38 13.90 5.24 29.10
C ALA C 38 14.69 4.04 29.63
N VAL C 39 15.36 3.30 28.73
CA VAL C 39 16.17 2.13 29.10
C VAL C 39 17.68 2.41 28.91
N ASP C 40 18.13 2.58 27.65
CA ASP C 40 19.54 2.83 27.29
C ASP C 40 20.08 4.18 27.79
N GLY C 41 19.33 5.25 27.53
CA GLY C 41 19.67 6.62 27.91
C GLY C 41 19.50 6.94 29.39
N ASP C 42 18.81 6.04 30.13
CA ASP C 42 18.52 6.12 31.56
C ASP C 42 17.90 7.48 31.96
N ILE C 43 16.69 7.72 31.41
CA ILE C 43 15.90 8.93 31.60
C ILE C 43 14.56 8.57 32.33
N PRO C 44 14.07 9.38 33.30
CA PRO C 44 12.85 9.00 34.07
C PRO C 44 11.58 8.74 33.27
N THR C 45 10.62 8.05 33.92
CA THR C 45 9.33 7.66 33.37
C THR C 45 8.23 8.74 33.51
N ASN C 46 8.38 9.67 34.47
CA ASN C 46 7.40 10.74 34.73
C ASN C 46 7.24 11.74 33.57
N LEU C 47 8.32 11.98 32.81
CA LEU C 47 8.34 12.92 31.68
C LEU C 47 8.13 12.25 30.31
N VAL C 48 7.84 10.91 30.28
CA VAL C 48 7.61 10.12 29.07
C VAL C 48 6.45 10.69 28.25
N LEU C 49 5.24 10.79 28.86
CA LEU C 49 4.05 11.29 28.19
C LEU C 49 4.06 12.79 27.89
N SER C 50 4.74 13.59 28.73
CA SER C 50 4.85 15.04 28.53
C SER C 50 5.84 15.38 27.43
N LEU C 51 6.84 14.50 27.20
CA LEU C 51 7.82 14.64 26.13
C LEU C 51 7.22 14.28 24.78
N LEU C 52 6.19 13.39 24.80
CA LEU C 52 5.42 12.96 23.62
C LEU C 52 4.65 14.17 23.06
N GLY C 53 4.07 14.95 23.96
CA GLY C 53 3.34 16.18 23.65
C GLY C 53 4.28 17.33 23.30
N LEU C 54 5.50 17.30 23.89
CA LEU C 54 6.58 18.28 23.66
C LEU C 54 7.06 18.24 22.20
N GLY C 55 7.00 17.07 21.58
CA GLY C 55 7.44 16.84 20.22
C GLY C 55 6.36 16.88 19.14
N ILE C 56 5.09 17.19 19.50
CA ILE C 56 4.00 17.29 18.51
C ILE C 56 4.22 18.51 17.57
N PRO C 57 4.73 19.69 18.03
CA PRO C 57 4.98 20.79 17.08
C PRO C 57 6.25 20.58 16.25
N GLU C 58 7.10 19.61 16.68
CA GLU C 58 8.33 19.20 16.01
C GLU C 58 7.95 18.20 14.92
N MET C 59 6.93 17.35 15.22
CA MET C 59 6.38 16.33 14.32
C MET C 59 5.66 17.00 13.13
N ALA C 60 4.84 18.03 13.42
CA ALA C 60 4.04 18.81 12.46
C ALA C 60 4.83 19.38 11.28
N GLN C 61 6.17 19.48 11.42
CA GLN C 61 7.11 19.96 10.40
C GLN C 61 7.03 19.14 9.12
N LEU C 62 6.77 17.83 9.24
CA LEU C 62 6.66 16.91 8.10
C LEU C 62 5.24 16.50 7.78
N ILE C 63 4.34 16.37 8.79
CA ILE C 63 2.95 15.95 8.56
C ILE C 63 2.15 17.00 7.80
N LEU C 64 2.35 18.30 8.07
CA LEU C 64 1.64 19.39 7.41
C LEU C 64 1.93 19.49 5.90
N PRO C 65 3.20 19.51 5.41
CA PRO C 65 3.40 19.58 3.95
C PRO C 65 3.08 18.26 3.24
N LEU C 66 3.09 17.14 3.97
CA LEU C 66 2.78 15.82 3.46
C LEU C 66 1.26 15.60 3.32
N SER C 67 0.46 16.00 4.35
CA SER C 67 -0.99 15.85 4.35
C SER C 67 -1.67 16.59 3.19
N LEU C 68 -1.19 17.80 2.87
CA LEU C 68 -1.73 18.59 1.75
C LEU C 68 -1.28 17.98 0.42
N PHE C 69 -0.08 17.37 0.40
CA PHE C 69 0.49 16.70 -0.78
C PHE C 69 -0.26 15.41 -1.10
N LEU C 70 -0.32 14.47 -0.13
CA LEU C 70 -0.97 13.17 -0.26
C LEU C 70 -2.49 13.25 -0.30
N GLY C 71 -3.08 14.20 0.41
CA GLY C 71 -4.53 14.43 0.39
C GLY C 71 -4.99 14.77 -1.02
N LEU C 72 -4.22 15.66 -1.68
CA LEU C 72 -4.41 16.12 -3.06
C LEU C 72 -4.13 14.97 -4.04
N LEU C 73 -3.09 14.15 -3.75
CA LEU C 73 -2.69 12.99 -4.55
C LEU C 73 -3.83 11.94 -4.58
N MET C 74 -4.43 11.66 -3.42
CA MET C 74 -5.52 10.70 -3.27
C MET C 74 -6.79 11.20 -3.94
N THR C 75 -7.25 12.43 -3.60
CA THR C 75 -8.48 13.03 -4.18
C THR C 75 -8.43 13.16 -5.69
N LEU C 76 -7.39 13.83 -6.26
CA LEU C 76 -7.25 13.98 -7.73
C LEU C 76 -7.21 12.63 -8.41
N GLY C 77 -6.54 11.66 -7.79
CA GLY C 77 -6.40 10.29 -8.25
C GLY C 77 -7.72 9.53 -8.25
N LYS C 78 -8.50 9.65 -7.15
CA LYS C 78 -9.81 9.00 -7.02
C LYS C 78 -10.88 9.66 -7.88
N LEU C 79 -10.78 11.01 -8.09
CA LEU C 79 -11.69 11.76 -8.96
C LEU C 79 -11.31 11.57 -10.43
N TYR C 80 -10.03 11.25 -10.69
CA TYR C 80 -9.52 10.97 -12.03
C TYR C 80 -10.08 9.64 -12.51
N THR C 81 -10.08 8.61 -11.62
CA THR C 81 -10.57 7.25 -11.88
C THR C 81 -12.07 7.23 -12.14
N GLU C 82 -12.86 7.98 -11.33
CA GLU C 82 -14.31 8.12 -11.46
C GLU C 82 -14.73 8.87 -12.75
N SER C 83 -13.72 9.40 -13.50
CA SER C 83 -13.77 10.16 -14.77
C SER C 83 -14.24 11.62 -14.59
N GLU C 84 -14.44 12.08 -13.34
CA GLU C 84 -14.88 13.43 -13.03
C GLU C 84 -13.88 14.50 -13.48
N ILE C 85 -12.57 14.19 -13.37
CA ILE C 85 -11.47 15.06 -13.77
C ILE C 85 -11.37 15.19 -15.31
N THR C 86 -11.56 14.06 -16.02
CA THR C 86 -11.50 14.04 -17.48
C THR C 86 -12.83 14.54 -18.09
N VAL C 87 -13.94 14.57 -17.30
CA VAL C 87 -15.24 15.11 -17.74
C VAL C 87 -15.33 16.62 -17.42
N MET C 88 -14.52 17.07 -16.43
CA MET C 88 -14.41 18.48 -16.08
C MET C 88 -13.78 19.18 -17.29
N HIS C 89 -12.79 18.53 -17.92
CA HIS C 89 -12.11 19.00 -19.12
C HIS C 89 -12.87 18.74 -20.42
N ALA C 90 -13.79 17.75 -20.43
CA ALA C 90 -14.63 17.44 -21.59
C ALA C 90 -15.69 18.53 -21.77
N CYS C 91 -16.05 19.23 -20.66
CA CYS C 91 -17.00 20.32 -20.65
C CYS C 91 -16.27 21.65 -20.36
N GLY C 92 -15.41 22.04 -21.30
CA GLY C 92 -14.60 23.25 -21.23
C GLY C 92 -13.48 23.13 -20.22
N LEU C 93 -13.45 24.08 -19.25
CA LEU C 93 -12.51 24.20 -18.12
C LEU C 93 -11.01 24.23 -18.49
N SER C 94 -10.18 24.57 -17.49
CA SER C 94 -8.73 24.63 -17.62
C SER C 94 -8.05 23.67 -16.64
N LYS C 95 -6.79 23.30 -16.94
CA LYS C 95 -5.97 22.44 -16.09
C LYS C 95 -5.63 23.22 -14.82
N ALA C 96 -5.66 24.57 -14.94
CA ALA C 96 -5.40 25.54 -13.87
C ALA C 96 -6.51 25.56 -12.82
N VAL C 97 -7.67 24.95 -13.11
CA VAL C 97 -8.83 24.86 -12.22
C VAL C 97 -8.43 24.09 -10.95
N LEU C 98 -7.71 22.96 -11.11
CA LEU C 98 -7.21 22.11 -10.01
C LEU C 98 -5.91 22.66 -9.40
N ILE C 99 -5.16 23.50 -10.13
CA ILE C 99 -3.96 24.19 -9.63
C ILE C 99 -4.45 25.31 -8.70
N LYS C 100 -5.51 26.04 -9.14
CA LYS C 100 -6.22 27.11 -8.44
C LYS C 100 -6.82 26.54 -7.15
N ALA C 101 -7.52 25.39 -7.25
CA ALA C 101 -8.13 24.68 -6.13
C ALA C 101 -7.10 24.23 -5.09
N ALA C 102 -5.92 23.74 -5.55
CA ALA C 102 -4.82 23.30 -4.69
C ALA C 102 -4.19 24.49 -3.96
N MET C 103 -3.86 25.56 -4.72
CA MET C 103 -3.25 26.77 -4.21
C MET C 103 -4.17 27.59 -3.31
N ILE C 104 -5.50 27.50 -3.54
CA ILE C 104 -6.49 28.22 -2.73
C ILE C 104 -6.66 27.52 -1.35
N LEU C 105 -6.33 26.22 -1.26
CA LEU C 105 -6.40 25.49 0.00
C LEU C 105 -4.98 25.29 0.59
N ALA C 106 -3.93 25.68 -0.19
CA ALA C 106 -2.53 25.63 0.22
C ALA C 106 -2.20 26.76 1.20
N VAL C 107 -2.92 27.91 1.08
CA VAL C 107 -2.77 29.09 1.94
C VAL C 107 -3.32 28.78 3.34
N PHE C 108 -4.39 27.94 3.42
CA PHE C 108 -5.04 27.46 4.63
C PHE C 108 -4.02 26.71 5.48
N THR C 109 -3.23 25.82 4.84
CA THR C 109 -2.21 24.96 5.45
C THR C 109 -0.88 25.73 5.69
N GLY C 110 -0.50 26.60 4.74
CA GLY C 110 0.70 27.41 4.81
C GLY C 110 0.69 28.39 5.99
N ALA C 111 -0.51 28.76 6.45
CA ALA C 111 -0.75 29.65 7.59
C ALA C 111 -0.55 28.88 8.89
N VAL C 112 -0.97 27.59 8.93
CA VAL C 112 -0.81 26.71 10.11
C VAL C 112 0.67 26.33 10.24
N ALA C 113 1.38 26.17 9.10
CA ALA C 113 2.82 25.88 9.05
C ALA C 113 3.61 27.10 9.55
N ALA C 114 3.08 28.32 9.32
CA ALA C 114 3.67 29.59 9.76
C ALA C 114 3.56 29.75 11.28
N VAL C 115 2.47 29.23 11.89
CA VAL C 115 2.23 29.26 13.34
C VAL C 115 3.20 28.24 13.98
N ASN C 116 3.44 27.12 13.27
CA ASN C 116 4.34 26.03 13.65
C ASN C 116 5.83 26.41 13.48
N VAL C 117 6.10 27.63 13.00
CA VAL C 117 7.45 28.14 12.74
C VAL C 117 7.80 29.34 13.63
N MET C 118 6.90 30.34 13.71
CA MET C 118 7.14 31.55 14.49
C MET C 118 6.76 31.38 15.97
N TRP C 119 5.74 30.56 16.27
CA TRP C 119 5.26 30.34 17.64
C TRP C 119 5.55 28.95 18.22
N ALA C 120 5.04 27.89 17.56
CA ALA C 120 5.19 26.50 18.01
C ALA C 120 6.61 25.95 17.87
N GLY C 121 7.33 26.40 16.83
CA GLY C 121 8.71 26.02 16.56
C GLY C 121 9.65 26.37 17.70
N PRO C 122 9.74 27.65 18.11
CA PRO C 122 10.65 27.99 19.23
C PRO C 122 10.19 27.55 20.63
N TRP C 123 8.87 27.35 20.86
CA TRP C 123 8.34 26.91 22.17
C TRP C 123 8.86 25.53 22.55
N SER C 124 8.91 24.60 21.57
CA SER C 124 9.43 23.24 21.76
C SER C 124 10.94 23.31 22.05
N SER C 125 11.66 24.19 21.32
CA SER C 125 13.10 24.44 21.48
C SER C 125 13.43 24.98 22.88
N ARG C 126 12.48 25.71 23.50
CA ARG C 126 12.63 26.27 24.84
C ARG C 126 12.51 25.17 25.90
N HIS C 127 11.60 24.19 25.70
CA HIS C 127 11.41 23.07 26.62
C HIS C 127 12.32 21.88 26.33
N GLN C 128 12.98 21.89 25.14
CA GLN C 128 13.93 20.86 24.72
C GLN C 128 15.32 21.16 25.30
N ASP C 129 15.57 22.43 25.66
CA ASP C 129 16.79 22.91 26.30
C ASP C 129 16.62 22.66 27.81
N GLU C 130 15.35 22.56 28.25
CA GLU C 130 14.95 22.32 29.62
C GLU C 130 15.11 20.83 29.98
N VAL C 131 14.45 19.91 29.22
CA VAL C 131 14.41 18.45 29.43
C VAL C 131 13.93 18.15 30.88
N LEU C 132 13.33 19.19 31.51
CA LEU C 132 12.87 19.26 32.90
C LEU C 132 14.07 19.11 33.87
N ALA C 133 14.70 20.25 34.20
CA ALA C 133 15.87 20.40 35.07
C ALA C 133 15.70 19.79 36.45
N GLU C 134 14.50 19.92 37.04
CA GLU C 134 14.14 19.38 38.37
C GLU C 134 14.17 17.84 38.37
N ALA C 135 14.12 17.22 37.17
CA ALA C 135 14.14 15.76 36.99
C ALA C 135 15.46 15.25 36.37
N LYS C 136 16.10 16.06 35.48
CA LYS C 136 17.36 15.67 34.83
C LYS C 136 18.59 15.94 35.71
N ALA C 137 18.74 17.18 36.20
CA ALA C 137 19.86 17.58 37.05
C ALA C 137 19.69 17.07 38.48
N ASN C 138 18.43 16.86 38.91
CA ASN C 138 18.10 16.38 40.25
C ASN C 138 17.47 14.96 40.17
N PRO C 139 18.28 13.88 40.07
CA PRO C 139 17.70 12.54 39.99
C PRO C 139 17.28 12.03 41.38
N GLY C 140 16.00 11.70 41.52
CA GLY C 140 15.42 11.22 42.77
C GLY C 140 15.00 9.76 42.76
N MET C 141 13.85 9.47 43.38
CA MET C 141 13.26 8.12 43.47
C MET C 141 12.80 7.65 42.10
N ALA C 142 12.31 8.61 41.27
CA ALA C 142 11.83 8.39 39.90
C ALA C 142 12.95 7.96 38.94
N ALA C 143 14.22 8.25 39.30
CA ALA C 143 15.40 7.90 38.51
C ALA C 143 15.64 6.39 38.51
N LEU C 144 15.64 5.75 39.71
CA LEU C 144 15.81 4.31 39.99
C LEU C 144 16.85 3.59 39.10
N ALA C 145 18.06 3.34 39.65
CA ALA C 145 19.16 2.66 38.95
C ALA C 145 18.82 1.19 38.66
N GLN C 146 18.51 0.43 39.73
CA GLN C 146 18.10 -0.99 39.79
C GLN C 146 18.91 -1.94 38.87
N GLY C 147 19.88 -2.64 39.48
CA GLY C 147 20.73 -3.61 38.82
C GLY C 147 21.64 -3.08 37.73
N GLN C 148 21.73 -1.74 37.57
CA GLN C 148 22.57 -1.09 36.56
C GLN C 148 23.03 0.32 36.96
N PHE C 149 24.10 0.79 36.27
CA PHE C 149 24.78 2.08 36.44
C PHE C 149 23.86 3.29 36.21
N GLN C 150 24.36 4.48 36.58
CA GLN C 150 23.69 5.78 36.40
C GLN C 150 24.75 6.86 36.17
N GLN C 151 25.19 7.01 34.91
CA GLN C 151 26.18 8.00 34.52
C GLN C 151 25.59 9.41 34.60
N ALA C 152 26.29 10.32 35.30
CA ALA C 152 25.90 11.71 35.48
C ALA C 152 27.08 12.66 35.23
N SER C 153 26.79 13.96 34.99
CA SER C 153 27.76 15.03 34.70
C SER C 153 28.65 14.71 33.49
N ASP C 154 29.92 14.26 33.72
CA ASP C 154 30.87 13.90 32.65
C ASP C 154 31.91 12.87 33.10
N GLY C 155 31.55 11.59 33.02
CA GLY C 155 32.40 10.46 33.36
C GLY C 155 32.67 10.17 34.82
N ASN C 156 32.80 11.23 35.65
CA ASN C 156 33.11 11.11 37.07
C ASN C 156 31.94 10.57 37.93
N ALA C 157 30.79 11.28 37.96
CA ALA C 157 29.61 10.89 38.74
C ALA C 157 28.92 9.67 38.12
N VAL C 158 28.87 8.55 38.88
CA VAL C 158 28.28 7.29 38.42
C VAL C 158 27.84 6.41 39.60
N MET C 159 26.52 6.30 39.82
CA MET C 159 25.92 5.50 40.88
C MET C 159 25.62 4.09 40.36
N PHE C 160 25.72 3.08 41.24
CA PHE C 160 25.45 1.68 40.88
C PHE C 160 24.68 1.02 42.02
N ILE C 161 23.42 0.65 41.77
CA ILE C 161 22.56 0.07 42.80
C ILE C 161 22.15 -1.37 42.46
N GLU C 162 21.81 -2.15 43.50
CA GLU C 162 21.36 -3.54 43.46
C GLU C 162 20.34 -3.65 44.62
N SER C 163 19.20 -2.91 44.51
CA SER C 163 18.17 -2.86 45.55
C SER C 163 16.99 -3.83 45.36
N VAL C 164 16.15 -3.96 46.41
CA VAL C 164 14.94 -4.81 46.46
C VAL C 164 13.73 -3.95 46.02
N ASN C 165 13.62 -2.71 46.56
CA ASN C 165 12.55 -1.74 46.27
C ASN C 165 12.99 -0.28 46.55
N GLY C 166 13.86 -0.14 47.55
CA GLY C 166 14.39 1.14 48.01
C GLY C 166 14.66 1.15 49.49
N ASN C 167 14.55 -0.04 50.14
CA ASN C 167 14.75 -0.27 51.58
C ASN C 167 16.13 -0.88 51.88
N ARG C 168 16.59 -1.81 51.02
CA ARG C 168 17.89 -2.46 51.16
C ARG C 168 18.69 -2.35 49.86
N PHE C 169 19.41 -1.24 49.72
CA PHE C 169 20.27 -0.91 48.58
C PHE C 169 21.54 -1.80 48.61
N HIS C 170 22.48 -1.53 47.68
CA HIS C 170 23.78 -2.23 47.56
C HIS C 170 24.70 -1.49 46.61
N ASP C 171 26.02 -1.71 46.76
CA ASP C 171 27.13 -1.18 45.95
C ASP C 171 27.32 0.34 46.04
N VAL C 172 26.28 1.14 45.71
CA VAL C 172 26.22 2.62 45.74
C VAL C 172 27.24 3.23 44.75
N PHE C 173 28.53 3.16 45.08
CA PHE C 173 29.68 3.60 44.31
C PHE C 173 29.84 5.13 44.20
N LEU C 174 28.98 5.82 43.42
CA LEU C 174 28.97 7.28 43.17
C LEU C 174 30.22 7.79 42.41
N ALA C 175 31.44 7.46 42.88
CA ALA C 175 32.77 7.81 42.34
C ALA C 175 33.11 9.32 42.42
N GLN C 176 32.69 10.14 41.42
CA GLN C 176 32.93 11.60 41.31
C GLN C 176 34.42 11.97 41.34
N SER C 186 38.76 7.16 45.67
CA SER C 186 37.79 7.94 44.90
C SER C 186 36.43 7.22 44.80
N VAL C 187 36.08 6.39 45.81
CA VAL C 187 34.84 5.59 45.83
C VAL C 187 34.10 5.65 47.20
N VAL C 188 32.90 5.02 47.27
CA VAL C 188 32.05 4.89 48.47
C VAL C 188 31.08 3.70 48.29
N VAL C 189 31.31 2.61 49.03
CA VAL C 189 30.49 1.40 48.95
C VAL C 189 29.73 1.17 50.25
N ALA C 190 28.39 1.12 50.14
CA ALA C 190 27.46 0.94 51.26
C ALA C 190 26.49 -0.22 51.07
N ASP C 191 26.11 -0.86 52.18
CA ASP C 191 25.14 -1.95 52.22
C ASP C 191 23.72 -1.39 52.24
N SER C 192 23.02 -1.43 53.41
CA SER C 192 21.64 -0.92 53.57
C SER C 192 21.54 0.59 53.30
N GLY C 193 20.35 1.02 52.87
CA GLY C 193 20.09 2.42 52.56
C GLY C 193 18.65 2.72 52.16
N GLU C 194 18.21 3.97 52.39
CA GLU C 194 16.88 4.46 52.07
C GLU C 194 16.92 5.87 51.46
N LEU C 195 15.80 6.33 50.86
CA LEU C 195 15.68 7.64 50.24
C LEU C 195 14.21 8.11 50.26
N SER C 196 13.99 9.39 50.64
CA SER C 196 12.67 10.01 50.69
C SER C 196 12.82 11.51 50.36
N GLN C 197 12.29 11.92 49.19
CA GLN C 197 12.36 13.31 48.70
C GLN C 197 11.44 14.27 49.46
N GLN C 198 11.57 15.58 49.20
CA GLN C 198 10.75 16.64 49.80
C GLN C 198 9.77 17.21 48.79
N GLN C 203 14.74 15.39 50.90
CA GLN C 203 15.63 14.60 50.06
C GLN C 203 16.98 14.35 50.75
N TYR C 204 17.21 13.07 51.11
CA TYR C 204 18.40 12.59 51.84
C TYR C 204 18.64 11.11 51.57
N VAL C 205 19.90 10.70 51.38
CA VAL C 205 20.26 9.31 51.12
C VAL C 205 20.75 8.63 52.43
N THR C 206 19.79 8.19 53.26
CA THR C 206 20.01 7.55 54.55
C THR C 206 20.57 6.11 54.38
N LEU C 207 21.88 6.01 54.06
CA LEU C 207 22.57 4.74 53.88
C LEU C 207 23.21 4.28 55.20
N ASN C 208 22.86 3.05 55.66
CA ASN C 208 23.36 2.48 56.91
C ASN C 208 24.84 2.06 56.83
N LYS C 209 25.13 0.73 56.80
CA LYS C 209 26.49 0.16 56.74
C LYS C 209 27.19 0.62 55.47
N GLY C 210 28.47 0.98 55.57
CA GLY C 210 29.25 1.46 54.43
C GLY C 210 30.70 1.83 54.70
N THR C 211 31.41 2.23 53.63
CA THR C 211 32.83 2.63 53.65
C THR C 211 33.05 3.77 52.66
N ARG C 212 33.93 4.73 53.00
CA ARG C 212 34.30 5.84 52.13
C ARG C 212 35.77 5.72 51.69
N PHE C 213 36.17 6.52 50.67
CA PHE C 213 37.52 6.52 50.09
C PHE C 213 37.72 7.77 49.24
N GLU C 214 38.98 8.23 49.13
CA GLU C 214 39.40 9.34 48.25
C GLU C 214 40.94 9.36 48.08
N GLY C 215 41.58 8.21 48.33
CA GLY C 215 43.01 8.00 48.21
C GLY C 215 43.45 7.81 46.78
N THR C 216 43.78 8.92 46.10
CA THR C 216 44.22 8.96 44.71
C THR C 216 45.65 8.37 44.55
N ALA C 217 46.59 8.80 45.42
CA ALA C 217 47.99 8.35 45.43
C ALA C 217 48.34 7.58 46.72
N MET C 218 49.56 7.02 46.79
CA MET C 218 50.05 6.30 47.98
C MET C 218 50.35 7.28 49.14
N LEU C 219 50.70 8.54 48.81
CA LEU C 219 51.00 9.61 49.77
C LEU C 219 49.78 10.51 50.04
N ARG C 220 48.81 10.55 49.11
CA ARG C 220 47.59 11.38 49.23
C ARG C 220 46.54 10.82 50.21
N ASP C 221 45.82 11.75 50.88
CA ASP C 221 44.78 11.52 51.90
C ASP C 221 43.65 10.59 51.48
N PHE C 222 43.00 9.93 52.45
CA PHE C 222 41.90 9.00 52.22
C PHE C 222 40.87 9.01 53.39
N ARG C 223 39.62 9.40 53.06
CA ARG C 223 38.47 9.51 53.97
C ARG C 223 37.79 8.14 54.16
N ILE C 224 37.23 7.84 55.36
CA ILE C 224 36.55 6.57 55.67
C ILE C 224 35.28 6.80 56.54
N THR C 225 34.31 5.85 56.46
CA THR C 225 33.04 5.85 57.21
C THR C 225 32.60 4.42 57.63
N ASP C 226 31.45 4.31 58.35
CA ASP C 226 30.83 3.04 58.78
C ASP C 226 29.30 3.13 58.76
N PHE C 227 28.63 2.42 59.70
CA PHE C 227 27.17 2.34 59.84
C PHE C 227 26.59 3.46 60.70
N ASN C 228 26.17 4.53 60.01
CA ASN C 228 25.51 5.72 60.54
C ASN C 228 24.54 6.13 59.46
N ASN C 229 23.44 6.79 59.81
CA ASN C 229 22.51 7.21 58.77
C ASN C 229 22.92 8.58 58.20
N TYR C 230 23.72 8.52 57.11
CA TYR C 230 24.24 9.64 56.32
C TYR C 230 23.05 10.32 55.64
N GLN C 231 23.14 11.63 55.32
CA GLN C 231 21.99 12.29 54.70
C GLN C 231 22.31 13.18 53.51
N ALA C 232 23.14 14.22 53.70
CA ALA C 232 23.53 15.21 52.69
C ALA C 232 22.30 15.74 51.93
N ILE C 233 21.52 16.61 52.58
CA ILE C 233 20.29 17.21 52.06
C ILE C 233 20.63 18.05 50.81
N ILE C 234 20.55 17.42 49.62
CA ILE C 234 20.86 18.06 48.34
C ILE C 234 19.66 17.99 47.39
N GLY C 235 19.39 19.11 46.73
CA GLY C 235 18.29 19.26 45.78
C GLY C 235 18.25 20.64 45.15
N HIS C 236 19.41 21.07 44.59
CA HIS C 236 19.58 22.37 43.95
C HIS C 236 18.87 22.37 42.58
N GLN C 237 17.73 23.08 42.51
CA GLN C 237 16.94 23.20 41.27
C GLN C 237 17.68 24.07 40.25
N ALA C 238 18.39 23.41 39.32
CA ALA C 238 19.19 24.04 38.27
C ALA C 238 18.34 24.85 37.29
N VAL C 239 18.91 25.98 36.81
CA VAL C 239 18.25 26.86 35.85
C VAL C 239 18.61 26.41 34.39
N SER C 240 18.28 27.22 33.35
CA SER C 240 18.55 26.94 31.95
C SER C 240 20.04 26.75 31.62
N ALA C 241 20.95 27.35 32.43
CA ALA C 241 22.40 27.26 32.26
C ALA C 241 23.03 26.20 33.17
N ASP C 242 22.62 26.13 34.46
CA ASP C 242 23.13 25.18 35.45
C ASP C 242 22.65 23.75 35.15
N THR C 253 21.74 35.71 15.85
CA THR C 253 21.65 35.91 14.40
C THR C 253 20.27 35.49 13.88
N LEU C 254 19.47 36.48 13.39
CA LEU C 254 18.12 36.27 12.86
C LEU C 254 17.81 37.15 11.63
N TRP C 255 16.82 38.06 11.75
CA TRP C 255 16.31 38.97 10.70
C TRP C 255 17.42 39.85 10.06
N LYS C 256 17.83 40.89 10.77
CA LYS C 256 18.90 41.74 10.30
C LYS C 256 18.48 42.51 9.06
N THR C 257 18.12 43.77 9.26
CA THR C 257 17.68 44.63 8.16
C THR C 257 18.27 44.16 6.83
N HIS C 258 19.56 44.39 6.65
CA HIS C 258 20.24 43.98 5.41
C HIS C 258 19.86 42.57 5.02
N THR C 259 20.07 42.24 3.74
CA THR C 259 19.75 40.92 3.23
C THR C 259 20.74 39.88 3.73
N ASP C 260 20.92 39.84 5.05
CA ASP C 260 21.84 38.89 5.67
C ASP C 260 21.67 37.49 5.08
N ARG C 261 20.74 36.73 5.64
CA ARG C 261 20.48 35.37 5.18
C ARG C 261 21.55 34.40 5.65
N ALA C 262 22.10 33.63 4.72
CA ALA C 262 23.15 32.65 5.04
C ALA C 262 23.95 32.26 3.79
N ALA C 264 20.82 30.67 12.24
CA ALA C 264 21.17 30.43 10.84
C ALA C 264 20.31 29.31 10.21
N GLU C 265 19.39 28.71 11.00
CA GLU C 265 18.51 27.62 10.57
C GLU C 265 17.20 28.08 9.89
N LEU C 266 16.97 29.42 9.75
CA LEU C 266 15.77 29.95 9.09
C LEU C 266 15.74 29.63 7.57
N HIS C 267 16.82 28.98 7.08
CA HIS C 267 16.96 28.47 5.72
C HIS C 267 16.02 27.24 5.62
N TRP C 268 15.85 26.52 6.75
CA TRP C 268 14.98 25.34 6.92
C TRP C 268 13.65 25.79 7.50
N ARG C 269 13.68 26.61 8.58
CA ARG C 269 12.51 27.13 9.29
C ARG C 269 11.51 27.81 8.35
N PHE C 270 11.99 28.43 7.26
CA PHE C 270 11.14 29.06 6.26
C PHE C 270 10.89 28.12 5.06
N THR C 271 11.76 27.10 4.87
CA THR C 271 11.63 26.14 3.77
C THR C 271 10.48 25.14 4.02
N LEU C 272 10.17 24.83 5.30
CA LEU C 272 9.07 23.91 5.64
C LEU C 272 7.68 24.55 5.43
N VAL C 273 7.65 25.89 5.26
CA VAL C 273 6.45 26.68 4.95
C VAL C 273 6.40 26.83 3.42
N ALA C 274 7.60 26.81 2.77
CA ALA C 274 7.77 26.91 1.32
C ALA C 274 7.40 25.58 0.65
N THR C 275 7.56 24.47 1.39
CA THR C 275 7.24 23.09 0.97
C THR C 275 5.71 22.88 0.84
N VAL C 276 4.90 23.60 1.65
CA VAL C 276 3.43 23.56 1.66
C VAL C 276 2.91 23.94 0.26
N PHE C 277 3.56 24.93 -0.39
CA PHE C 277 3.19 25.48 -1.69
C PHE C 277 3.89 24.79 -2.87
N ILE C 278 5.13 24.27 -2.69
CA ILE C 278 5.85 23.57 -3.77
C ILE C 278 5.20 22.21 -4.10
N MET C 279 4.89 21.40 -3.07
CA MET C 279 4.28 20.07 -3.23
C MET C 279 2.85 20.15 -3.73
N ALA C 280 2.15 21.26 -3.44
CA ALA C 280 0.77 21.52 -3.89
C ALA C 280 0.73 21.71 -5.41
N LEU C 281 1.75 22.39 -5.96
CA LEU C 281 1.89 22.65 -7.40
C LEU C 281 2.49 21.45 -8.11
N MET C 282 3.42 20.76 -7.46
CA MET C 282 4.15 19.65 -8.04
C MET C 282 3.30 18.40 -8.33
N VAL C 283 2.41 18.02 -7.39
CA VAL C 283 1.61 16.80 -7.48
C VAL C 283 0.29 16.93 -8.32
N VAL C 284 -0.20 18.17 -8.63
CA VAL C 284 -1.42 18.34 -9.44
C VAL C 284 -1.36 17.51 -10.75
N PRO C 285 -0.28 17.57 -11.58
CA PRO C 285 -0.25 16.71 -12.77
C PRO C 285 0.49 15.37 -12.57
N LEU C 286 0.69 14.98 -11.30
CA LEU C 286 1.32 13.70 -10.94
C LEU C 286 0.27 12.69 -10.47
N SER C 287 -1.01 13.07 -10.53
CA SER C 287 -2.15 12.26 -10.11
C SER C 287 -3.20 12.04 -11.21
N VAL C 288 -3.10 12.79 -12.33
CA VAL C 288 -4.08 12.73 -13.43
C VAL C 288 -3.45 12.34 -14.80
N VAL C 289 -2.26 11.72 -14.79
CA VAL C 289 -1.57 11.32 -16.03
C VAL C 289 -1.05 9.87 -15.98
N ASN C 290 -1.02 9.27 -14.77
CA ASN C 290 -0.49 7.92 -14.57
C ASN C 290 -1.49 6.85 -14.03
N PRO C 291 -2.56 7.17 -13.21
CA PRO C 291 -3.40 6.10 -12.66
C PRO C 291 -4.20 5.23 -13.65
N ARG C 292 -4.03 5.44 -14.96
CA ARG C 292 -4.66 4.63 -16.02
C ARG C 292 -4.02 3.23 -16.07
N GLN C 293 -2.74 3.16 -15.65
CA GLN C 293 -1.89 1.98 -15.58
C GLN C 293 -2.15 1.17 -14.29
N GLY C 294 -1.66 1.67 -13.15
CA GLY C 294 -1.80 1.04 -11.85
C GLY C 294 -2.20 1.99 -10.74
N ARG C 295 -3.51 1.97 -10.40
CA ARG C 295 -4.23 2.75 -9.39
C ARG C 295 -3.41 3.31 -8.19
N VAL C 296 -2.48 2.49 -7.64
CA VAL C 296 -1.64 2.87 -6.49
C VAL C 296 -0.13 2.86 -6.88
N LEU C 297 0.25 2.15 -7.95
CA LEU C 297 1.63 2.08 -8.45
C LEU C 297 2.02 3.38 -9.15
N SER C 298 1.02 4.15 -9.56
CA SER C 298 1.10 5.45 -10.22
C SER C 298 1.38 6.58 -9.21
N MET C 299 1.16 6.28 -7.92
CA MET C 299 1.40 7.19 -6.80
C MET C 299 2.87 7.13 -6.43
N LEU C 300 3.50 5.95 -6.63
CA LEU C 300 4.90 5.67 -6.37
C LEU C 300 5.87 6.71 -7.00
N PRO C 301 5.81 7.07 -8.32
CA PRO C 301 6.76 8.07 -8.85
C PRO C 301 6.59 9.44 -8.20
N ALA C 302 5.33 9.89 -8.02
CA ALA C 302 4.95 11.15 -7.39
C ALA C 302 5.43 11.22 -5.93
N MET C 303 5.25 10.11 -5.18
CA MET C 303 5.64 9.99 -3.78
C MET C 303 7.16 9.96 -3.63
N LEU C 304 7.85 9.15 -4.48
CA LEU C 304 9.30 9.01 -4.46
C LEU C 304 10.02 10.34 -4.55
N LEU C 305 9.46 11.27 -5.37
CA LEU C 305 9.98 12.61 -5.56
C LEU C 305 10.01 13.35 -4.23
N TYR C 306 8.87 13.39 -3.48
CA TYR C 306 8.79 14.03 -2.17
C TYR C 306 9.90 13.50 -1.25
N LEU C 307 10.06 12.15 -1.17
CA LEU C 307 11.05 11.46 -0.34
C LEU C 307 12.48 11.95 -0.55
N VAL C 308 12.98 11.91 -1.81
CA VAL C 308 14.34 12.36 -2.18
C VAL C 308 14.51 13.83 -1.79
N PHE C 309 13.51 14.68 -2.11
CA PHE C 309 13.46 16.10 -1.80
C PHE C 309 13.66 16.37 -0.29
N PHE C 310 12.88 15.68 0.54
CA PHE C 310 12.95 15.83 1.98
C PHE C 310 14.17 15.15 2.58
N LEU C 311 14.69 14.12 1.90
CA LEU C 311 15.88 13.42 2.34
C LEU C 311 17.11 14.29 2.11
N LEU C 312 17.09 15.13 1.06
CA LEU C 312 18.18 16.04 0.74
C LEU C 312 18.13 17.34 1.55
N GLN C 313 16.93 17.88 1.85
CA GLN C 313 16.75 19.09 2.66
C GLN C 313 17.25 18.85 4.09
N THR C 314 17.03 17.63 4.60
CA THR C 314 17.48 17.19 5.93
C THR C 314 19.01 17.01 5.91
N SER C 315 19.56 16.58 4.75
CA SER C 315 20.98 16.37 4.53
C SER C 315 21.75 17.68 4.34
N ILE C 316 21.11 18.72 3.76
CA ILE C 316 21.72 20.05 3.57
C ILE C 316 21.85 20.70 4.95
N LYS C 317 20.91 20.38 5.87
CA LYS C 317 20.89 20.84 7.27
C LYS C 317 21.96 20.07 8.12
N SER C 318 23.23 20.09 7.67
CA SER C 318 24.35 19.42 8.33
C SER C 318 25.65 20.22 8.28
N ASN C 319 26.00 20.83 7.11
CA ASN C 319 27.22 21.64 6.93
C ASN C 319 27.12 22.98 7.70
N GLY C 320 27.33 22.91 9.02
CA GLY C 320 27.24 24.05 9.93
C GLY C 320 25.84 24.61 10.03
N GLY C 321 25.09 24.12 11.01
CA GLY C 321 23.68 24.46 11.26
C GLY C 321 23.31 25.88 11.57
N LYS C 322 22.95 26.14 12.85
CA LYS C 322 22.45 27.43 13.35
C LYS C 322 23.53 28.33 13.99
N GLY C 323 23.22 29.62 14.09
CA GLY C 323 24.05 30.65 14.70
C GLY C 323 25.25 31.11 13.91
N LYS C 324 26.47 30.81 14.44
CA LYS C 324 27.77 31.17 13.87
C LYS C 324 27.98 30.58 12.48
N MET C 325 28.00 29.24 12.37
CA MET C 325 28.19 28.55 11.09
C MET C 325 26.88 28.56 10.32
N ASP C 326 26.86 29.26 9.18
CA ASP C 326 25.69 29.41 8.32
C ASP C 326 25.71 28.39 7.17
N PRO C 327 24.56 27.74 6.85
CA PRO C 327 24.57 26.77 5.75
C PRO C 327 24.60 27.46 4.38
N ALA C 328 25.42 26.91 3.46
CA ALA C 328 25.53 27.46 2.10
C ALA C 328 24.23 27.18 1.34
N ILE C 329 23.82 28.10 0.45
CA ILE C 329 22.57 28.02 -0.32
C ILE C 329 22.60 26.83 -1.28
N TRP C 330 22.16 25.68 -0.76
CA TRP C 330 21.96 24.40 -1.43
C TRP C 330 20.53 24.02 -1.11
N MET C 331 20.05 24.49 0.08
CA MET C 331 18.71 24.32 0.60
C MET C 331 17.73 25.11 -0.27
N TRP C 332 18.04 26.40 -0.52
CA TRP C 332 17.21 27.24 -1.37
C TRP C 332 17.47 27.02 -2.85
N ALA C 333 18.64 26.45 -3.18
CA ALA C 333 19.04 26.13 -4.55
C ALA C 333 18.25 24.93 -5.09
N ILE C 334 18.02 23.92 -4.24
CA ILE C 334 17.25 22.74 -4.63
C ILE C 334 15.74 23.03 -4.48
N ASN C 335 15.38 24.07 -3.70
CA ASN C 335 14.00 24.54 -3.50
C ASN C 335 13.48 25.22 -4.77
N LEU C 336 14.40 25.77 -5.57
CA LEU C 336 14.12 26.43 -6.83
C LEU C 336 14.28 25.43 -7.98
N LEU C 337 15.26 24.49 -7.87
CA LEU C 337 15.54 23.41 -8.84
C LEU C 337 14.31 22.47 -8.90
N TYR C 338 13.60 22.39 -7.76
CA TYR C 338 12.40 21.60 -7.54
C TYR C 338 11.15 22.38 -7.96
N PHE C 339 11.20 23.73 -7.86
CA PHE C 339 10.10 24.60 -8.27
C PHE C 339 10.11 24.69 -9.79
N ALA C 340 11.31 24.59 -10.38
CA ALA C 340 11.52 24.56 -11.83
C ALA C 340 10.91 23.24 -12.33
N LEU C 341 11.09 22.16 -11.54
CA LEU C 341 10.52 20.84 -11.80
C LEU C 341 8.98 20.87 -11.61
N ALA C 342 8.49 21.68 -10.64
CA ALA C 342 7.07 21.86 -10.34
C ALA C 342 6.31 22.58 -11.45
N VAL C 343 6.97 23.51 -12.18
CA VAL C 343 6.38 24.26 -13.30
C VAL C 343 6.51 23.49 -14.63
N LEU C 344 7.65 22.78 -14.80
CA LEU C 344 8.04 21.94 -15.95
C LEU C 344 6.89 21.03 -16.46
N LEU C 345 6.38 20.16 -15.57
CA LEU C 345 5.30 19.20 -15.85
C LEU C 345 3.93 19.88 -16.04
N ASN C 346 3.73 21.03 -15.36
CA ASN C 346 2.51 21.83 -15.42
C ASN C 346 2.34 22.55 -16.75
N LEU C 347 3.45 22.76 -17.49
CA LEU C 347 3.43 23.39 -18.81
C LEU C 347 3.20 22.34 -19.91
N TRP C 348 3.20 21.05 -19.52
CA TRP C 348 2.99 19.92 -20.43
C TRP C 348 1.50 19.57 -20.49
N VAL D 6 1.23 -30.02 -9.67
CA VAL D 6 1.47 -28.96 -10.66
C VAL D 6 0.98 -27.59 -10.14
N LEU D 7 -0.25 -27.52 -9.59
CA LEU D 7 -0.81 -26.29 -9.05
C LEU D 7 -0.19 -25.95 -7.68
N ASP D 8 0.25 -26.97 -6.91
CA ASP D 8 0.85 -26.81 -5.59
C ASP D 8 2.10 -25.94 -5.67
N ARG D 9 3.00 -26.23 -6.64
CA ARG D 9 4.23 -25.46 -6.84
C ARG D 9 3.95 -24.07 -7.44
N TYR D 10 2.80 -23.88 -8.10
CA TYR D 10 2.42 -22.59 -8.67
C TYR D 10 2.07 -21.57 -7.60
N ILE D 11 1.39 -22.01 -6.53
CA ILE D 11 1.02 -21.13 -5.40
C ILE D 11 2.28 -20.81 -4.61
N GLY D 12 3.10 -21.84 -4.36
CA GLY D 12 4.36 -21.74 -3.63
C GLY D 12 5.37 -20.81 -4.26
N LYS D 13 5.44 -20.78 -5.61
CA LYS D 13 6.34 -19.91 -6.37
C LYS D 13 5.84 -18.47 -6.33
N THR D 14 4.59 -18.23 -6.80
CA THR D 14 3.95 -16.90 -6.87
C THR D 14 4.01 -16.12 -5.56
N ILE D 15 3.81 -16.80 -4.42
CA ILE D 15 3.84 -16.17 -3.11
C ILE D 15 5.29 -15.88 -2.68
N PHE D 16 6.22 -16.87 -2.83
CA PHE D 16 7.64 -16.75 -2.47
C PHE D 16 8.37 -15.61 -3.17
N ASN D 17 8.33 -15.57 -4.52
CA ASN D 17 9.00 -14.55 -5.32
C ASN D 17 8.57 -13.11 -4.99
N THR D 18 7.28 -12.91 -4.63
CA THR D 18 6.76 -11.58 -4.27
C THR D 18 7.24 -11.16 -2.88
N ILE D 19 7.60 -12.14 -2.00
CA ILE D 19 8.15 -11.90 -0.64
C ILE D 19 9.60 -11.40 -0.81
N MET D 20 10.33 -11.97 -1.80
CA MET D 20 11.69 -11.57 -2.16
C MET D 20 11.66 -10.21 -2.86
N MET D 21 10.57 -9.94 -3.60
CA MET D 21 10.32 -8.67 -4.27
C MET D 21 10.13 -7.59 -3.21
N THR D 22 9.33 -7.87 -2.16
CA THR D 22 9.07 -6.95 -1.05
C THR D 22 10.29 -6.81 -0.14
N LEU D 23 11.06 -7.91 0.07
CA LEU D 23 12.29 -7.89 0.88
C LEU D 23 13.34 -6.96 0.27
N PHE D 24 13.53 -7.05 -1.06
CA PHE D 24 14.47 -6.21 -1.80
C PHE D 24 13.93 -4.79 -1.97
N MET D 25 12.59 -4.63 -1.91
CA MET D 25 11.84 -3.38 -2.06
C MET D 25 11.91 -2.54 -0.78
N LEU D 26 11.71 -3.17 0.39
CA LEU D 26 11.71 -2.51 1.70
C LEU D 26 13.10 -2.24 2.25
N VAL D 27 14.03 -3.21 2.14
CA VAL D 27 15.41 -3.10 2.64
C VAL D 27 16.20 -2.06 1.82
N SER D 28 15.93 -1.97 0.49
CA SER D 28 16.59 -0.98 -0.38
C SER D 28 16.25 0.46 0.02
N LEU D 29 14.99 0.70 0.44
CA LEU D 29 14.55 2.03 0.88
C LEU D 29 15.23 2.42 2.20
N SER D 30 15.42 1.46 3.12
CA SER D 30 16.13 1.72 4.37
C SER D 30 17.64 1.79 4.10
N GLY D 31 18.08 1.14 3.01
CA GLY D 31 19.46 1.09 2.55
C GLY D 31 19.94 2.41 1.95
N ILE D 32 19.05 3.08 1.20
CA ILE D 32 19.30 4.40 0.59
C ILE D 32 19.22 5.49 1.67
N ILE D 33 18.53 5.18 2.79
CA ILE D 33 18.35 6.02 3.96
C ILE D 33 19.55 5.87 4.91
N LYS D 34 20.07 4.62 5.08
CA LYS D 34 21.24 4.32 5.92
C LYS D 34 22.55 4.49 5.14
N PHE D 35 22.57 5.54 4.29
CA PHE D 35 23.66 5.96 3.45
C PHE D 35 23.68 7.49 3.40
N VAL D 36 22.49 8.11 3.52
CA VAL D 36 22.36 9.57 3.53
C VAL D 36 22.63 10.12 4.95
N ASP D 37 22.42 9.27 5.98
CA ASP D 37 22.72 9.59 7.37
C ASP D 37 24.21 9.32 7.59
N GLN D 38 24.78 8.49 6.70
CA GLN D 38 26.20 8.13 6.67
C GLN D 38 27.01 9.30 6.09
N LEU D 39 26.39 10.13 5.20
CA LEU D 39 27.04 11.32 4.65
C LEU D 39 26.83 12.53 5.58
N LYS D 40 25.94 12.36 6.59
CA LYS D 40 25.66 13.36 7.64
C LYS D 40 26.81 13.27 8.66
N LYS D 41 27.38 12.04 8.82
CA LYS D 41 28.52 11.69 9.67
C LYS D 41 29.69 11.18 8.79
N SER D 42 30.16 12.05 7.85
CA SER D 42 31.27 11.77 6.93
C SER D 42 32.23 12.95 6.83
N GLY D 43 33.51 12.64 7.00
CA GLY D 43 34.60 13.62 6.97
C GLY D 43 35.44 13.53 8.23
N GLN D 44 35.77 12.29 8.64
CA GLN D 44 36.56 11.99 9.83
C GLN D 44 37.78 11.10 9.46
N GLY D 45 37.72 10.48 8.29
CA GLY D 45 38.76 9.61 7.76
C GLY D 45 38.33 8.77 6.57
N SER D 46 37.01 8.84 6.20
CA SER D 46 36.40 8.11 5.09
C SER D 46 35.07 8.74 4.61
N TYR D 47 34.58 8.30 3.44
CA TYR D 47 33.32 8.77 2.87
C TYR D 47 32.62 7.66 2.04
N ASP D 48 33.42 6.95 1.22
CA ASP D 48 33.00 5.86 0.35
C ASP D 48 33.21 4.52 1.05
N ALA D 49 34.29 4.42 1.88
CA ALA D 49 34.65 3.23 2.65
C ALA D 49 33.56 2.94 3.70
N LEU D 50 33.13 3.99 4.44
CA LEU D 50 32.07 3.89 5.45
C LEU D 50 30.69 4.01 4.77
N GLY D 51 30.68 4.55 3.55
CA GLY D 51 29.48 4.69 2.73
C GLY D 51 28.95 3.33 2.34
N ALA D 52 29.87 2.38 2.04
CA ALA D 52 29.59 0.98 1.70
C ALA D 52 29.81 0.06 2.90
N GLY D 53 30.48 0.57 3.94
CA GLY D 53 30.75 -0.12 5.18
C GLY D 53 29.55 -0.26 6.10
N LEU D 54 28.47 0.47 5.80
CA LEU D 54 27.19 0.49 6.53
C LEU D 54 26.02 0.35 5.51
N TYR D 55 26.32 -0.11 4.28
CA TYR D 55 25.35 -0.29 3.22
C TYR D 55 25.32 -1.77 2.78
N THR D 56 26.42 -2.29 2.20
CA THR D 56 26.49 -3.71 1.81
C THR D 56 26.72 -4.56 3.05
N ILE D 57 27.44 -3.99 4.03
CA ILE D 57 27.75 -4.66 5.29
C ILE D 57 26.50 -4.70 6.18
N LEU D 58 25.83 -3.55 6.36
CA LEU D 58 24.63 -3.42 7.19
C LEU D 58 23.31 -3.85 6.49
N SER D 59 23.38 -4.35 5.24
CA SER D 59 22.19 -4.80 4.50
C SER D 59 21.58 -6.05 5.11
N VAL D 60 22.43 -7.00 5.56
CA VAL D 60 21.99 -8.28 6.13
C VAL D 60 21.22 -8.08 7.48
N PRO D 61 21.65 -7.31 8.52
CA PRO D 61 20.81 -7.19 9.73
C PRO D 61 19.49 -6.41 9.56
N LYS D 62 19.19 -5.90 8.34
CA LYS D 62 17.96 -5.16 8.04
C LYS D 62 16.76 -6.10 7.94
N ASP D 63 16.92 -7.21 7.19
CA ASP D 63 15.90 -8.22 6.92
C ASP D 63 15.31 -8.84 8.19
N ILE D 64 15.95 -9.92 8.68
CA ILE D 64 15.58 -10.75 9.83
C ILE D 64 14.99 -9.95 10.98
N GLN D 65 15.75 -8.95 11.46
CA GLN D 65 15.37 -8.09 12.57
C GLN D 65 14.20 -7.16 12.28
N ILE D 66 14.04 -6.70 11.02
CA ILE D 66 12.96 -5.75 10.72
C ILE D 66 12.02 -6.19 9.56
N PHE D 67 12.52 -6.15 8.31
CA PHE D 67 11.72 -6.33 7.09
C PHE D 67 11.48 -7.76 6.61
N PHE D 68 11.72 -8.77 7.45
CA PHE D 68 11.38 -10.13 7.03
C PHE D 68 9.90 -10.42 7.28
N PRO D 69 9.32 -10.21 8.51
CA PRO D 69 7.86 -10.46 8.67
C PRO D 69 6.99 -9.51 7.83
N MET D 70 7.50 -8.31 7.53
CA MET D 70 6.80 -7.29 6.73
C MET D 70 6.67 -7.77 5.29
N ALA D 71 7.72 -8.46 4.78
CA ALA D 71 7.69 -9.03 3.42
C ALA D 71 6.93 -10.34 3.44
N ALA D 72 6.88 -11.01 4.62
CA ALA D 72 6.16 -12.27 4.84
C ALA D 72 4.65 -12.01 4.98
N LEU D 73 4.26 -10.73 4.97
CA LEU D 73 2.87 -10.30 5.02
C LEU D 73 2.54 -9.60 3.71
N LEU D 74 2.97 -8.33 3.52
CA LEU D 74 2.73 -7.55 2.31
C LEU D 74 2.96 -8.38 1.05
N GLY D 75 4.13 -9.01 0.96
CA GLY D 75 4.51 -9.84 -0.17
C GLY D 75 3.67 -11.08 -0.33
N ALA D 76 3.28 -11.72 0.79
CA ALA D 76 2.45 -12.93 0.80
C ALA D 76 1.01 -12.61 0.43
N LEU D 77 0.51 -11.46 0.91
CA LEU D 77 -0.84 -10.92 0.70
C LEU D 77 -0.99 -10.44 -0.74
N LEU D 78 -0.02 -9.62 -1.23
CA LEU D 78 0.04 -9.08 -2.61
C LEU D 78 0.31 -10.19 -3.62
N GLY D 79 0.89 -11.29 -3.15
CA GLY D 79 1.17 -12.47 -3.96
C GLY D 79 -0.09 -13.23 -4.29
N LEU D 80 -1.07 -13.20 -3.38
CA LEU D 80 -2.38 -13.82 -3.54
C LEU D 80 -3.36 -12.78 -4.12
N GLY D 81 -3.09 -11.52 -3.83
CA GLY D 81 -3.87 -10.36 -4.28
C GLY D 81 -3.90 -10.18 -5.78
N MET D 82 -2.78 -10.49 -6.46
CA MET D 82 -2.68 -10.44 -7.92
C MET D 82 -3.38 -11.67 -8.51
N LEU D 83 -3.25 -12.85 -7.85
CA LEU D 83 -3.90 -14.11 -8.24
C LEU D 83 -5.41 -13.97 -8.18
N ALA D 84 -5.91 -13.24 -7.16
CA ALA D 84 -7.33 -12.97 -6.97
C ALA D 84 -7.84 -11.91 -7.96
N GLN D 85 -6.98 -10.91 -8.31
CA GLN D 85 -7.32 -9.84 -9.25
C GLN D 85 -7.44 -10.40 -10.66
N ARG D 86 -6.49 -11.29 -11.04
CA ARG D 86 -6.45 -11.99 -12.31
C ARG D 86 -7.55 -13.07 -12.34
N SER D 87 -8.18 -13.31 -11.15
CA SER D 87 -9.24 -14.27 -10.81
C SER D 87 -8.84 -15.73 -11.08
N GLU D 88 -7.53 -16.03 -10.95
CA GLU D 88 -6.99 -17.39 -11.11
C GLU D 88 -7.39 -18.23 -9.89
N LEU D 89 -7.57 -17.57 -8.72
CA LEU D 89 -7.97 -18.18 -7.46
C LEU D 89 -9.35 -18.85 -7.52
N VAL D 90 -10.33 -18.21 -8.19
CA VAL D 90 -11.67 -18.80 -8.34
C VAL D 90 -11.63 -19.98 -9.30
N VAL D 91 -10.69 -19.98 -10.28
CA VAL D 91 -10.52 -21.05 -11.27
C VAL D 91 -10.02 -22.30 -10.57
N MET D 92 -9.04 -22.13 -9.64
CA MET D 92 -8.49 -23.23 -8.84
C MET D 92 -9.65 -23.93 -8.11
N GLN D 93 -10.56 -23.12 -7.53
CA GLN D 93 -11.74 -23.62 -6.83
C GLN D 93 -12.72 -24.26 -7.80
N ALA D 94 -12.99 -23.62 -8.96
CA ALA D 94 -13.89 -24.13 -10.02
C ALA D 94 -13.29 -25.33 -10.79
N SER D 95 -12.09 -25.78 -10.37
CA SER D 95 -11.37 -26.93 -10.88
C SER D 95 -11.46 -28.07 -9.86
N GLY D 96 -11.49 -27.70 -8.58
CA GLY D 96 -11.60 -28.63 -7.45
C GLY D 96 -10.50 -28.48 -6.42
N PHE D 97 -9.61 -27.48 -6.61
CA PHE D 97 -8.50 -27.21 -5.69
C PHE D 97 -9.02 -26.43 -4.46
N THR D 98 -9.02 -27.10 -3.28
CA THR D 98 -9.50 -26.62 -1.98
C THR D 98 -8.94 -25.26 -1.55
N ARG D 99 -9.66 -24.59 -0.62
CA ARG D 99 -9.25 -23.36 0.04
C ARG D 99 -8.05 -23.75 0.90
N LEU D 100 -8.14 -24.93 1.55
CA LEU D 100 -7.11 -25.54 2.40
C LEU D 100 -5.90 -26.01 1.60
N GLN D 101 -6.10 -26.37 0.33
CA GLN D 101 -5.01 -26.78 -0.57
C GLN D 101 -4.16 -25.58 -0.91
N VAL D 102 -4.79 -24.38 -1.05
CA VAL D 102 -4.13 -23.09 -1.33
C VAL D 102 -3.31 -22.70 -0.10
N ALA D 103 -3.94 -22.77 1.10
CA ALA D 103 -3.33 -22.47 2.39
C ALA D 103 -2.13 -23.39 2.65
N LEU D 104 -2.23 -24.67 2.24
CA LEU D 104 -1.18 -25.67 2.37
C LEU D 104 0.07 -25.23 1.62
N ALA D 105 -0.08 -24.79 0.35
CA ALA D 105 1.02 -24.34 -0.53
C ALA D 105 1.67 -23.00 -0.10
N VAL D 106 0.88 -22.13 0.56
CA VAL D 106 1.34 -20.85 1.08
C VAL D 106 2.20 -21.12 2.33
N MET D 107 1.77 -22.11 3.14
CA MET D 107 2.50 -22.51 4.35
C MET D 107 3.58 -23.54 4.06
N LYS D 108 3.59 -24.09 2.83
CA LYS D 108 4.61 -25.05 2.38
C LYS D 108 5.85 -24.24 2.00
N THR D 109 5.64 -23.00 1.50
CA THR D 109 6.72 -22.08 1.15
C THR D 109 7.21 -21.35 2.40
N ALA D 110 6.43 -21.42 3.50
CA ALA D 110 6.76 -20.78 4.79
C ALA D 110 7.97 -21.41 5.46
N ILE D 111 7.96 -22.74 5.67
CA ILE D 111 9.02 -23.52 6.32
C ILE D 111 10.41 -23.29 5.63
N PRO D 112 10.58 -23.38 4.27
CA PRO D 112 11.90 -23.09 3.68
C PRO D 112 12.27 -21.61 3.76
N LEU D 113 11.30 -20.75 4.06
CA LEU D 113 11.52 -19.32 4.18
C LEU D 113 11.84 -18.90 5.61
N VAL D 114 11.40 -19.69 6.62
CA VAL D 114 11.69 -19.45 8.04
C VAL D 114 13.07 -20.04 8.37
N LEU D 115 13.49 -21.01 7.55
CA LEU D 115 14.78 -21.70 7.59
C LEU D 115 15.84 -20.64 7.22
N LEU D 116 15.51 -19.81 6.22
CA LEU D 116 16.30 -18.69 5.68
C LEU D 116 16.47 -17.57 6.71
N THR D 117 15.46 -17.37 7.58
CA THR D 117 15.44 -16.33 8.62
C THR D 117 16.41 -16.66 9.75
N MET D 118 16.37 -17.91 10.25
CA MET D 118 17.21 -18.40 11.35
C MET D 118 18.68 -18.50 10.94
N ALA D 119 18.94 -18.85 9.66
CA ALA D 119 20.29 -19.01 9.12
C ALA D 119 21.04 -17.69 8.96
N ILE D 120 20.44 -16.71 8.24
CA ILE D 120 21.09 -15.41 8.02
C ILE D 120 20.65 -14.38 9.09
N GLY D 121 20.11 -14.86 10.20
CA GLY D 121 19.69 -14.05 11.33
C GLY D 121 20.54 -14.24 12.55
N GLU D 122 21.08 -15.46 12.70
CA GLU D 122 21.94 -15.86 13.79
C GLU D 122 23.42 -15.82 13.39
N TRP D 123 23.71 -16.10 12.10
CA TRP D 123 25.08 -16.17 11.63
C TRP D 123 25.55 -14.96 10.83
N VAL D 124 24.87 -14.61 9.73
CA VAL D 124 25.26 -13.52 8.83
C VAL D 124 24.78 -12.12 9.34
N ALA D 125 23.72 -12.07 10.18
CA ALA D 125 23.22 -10.80 10.73
C ALA D 125 24.16 -10.14 11.76
N PRO D 126 24.67 -10.83 12.84
CA PRO D 126 25.60 -10.14 13.76
C PRO D 126 26.96 -9.89 13.12
N GLN D 127 27.27 -10.66 12.06
CA GLN D 127 28.49 -10.58 11.25
C GLN D 127 28.49 -9.19 10.57
N GLY D 128 27.47 -8.94 9.74
CA GLY D 128 27.29 -7.68 9.02
C GLY D 128 26.95 -6.51 9.92
N GLU D 129 26.64 -6.80 11.20
CA GLU D 129 26.32 -5.81 12.23
C GLU D 129 27.62 -5.35 12.88
N GLN D 130 28.37 -6.30 13.53
CA GLN D 130 29.63 -6.07 14.23
C GLN D 130 30.72 -5.50 13.34
N MET D 131 30.90 -6.09 12.14
CA MET D 131 31.91 -5.66 11.17
C MET D 131 31.64 -4.27 10.61
N ALA D 132 30.37 -3.82 10.62
CA ALA D 132 29.97 -2.48 10.19
C ALA D 132 30.35 -1.45 11.26
N ARG D 133 30.30 -1.86 12.54
CA ARG D 133 30.64 -1.01 13.70
C ARG D 133 32.15 -1.01 13.97
N ASN D 134 32.83 -2.12 13.61
CA ASN D 134 34.29 -2.27 13.75
C ASN D 134 35.00 -1.52 12.63
N TYR D 135 34.30 -1.26 11.50
CA TYR D 135 34.81 -0.50 10.36
C TYR D 135 34.69 1.01 10.65
N ARG D 136 34.02 1.38 11.77
CA ARG D 136 33.87 2.76 12.23
C ARG D 136 35.11 3.14 13.09
N ALA D 137 36.32 2.83 12.56
CA ALA D 137 37.63 3.10 13.15
C ALA D 137 38.28 4.32 12.50
N GLN D 138 37.87 4.64 11.23
CA GLN D 138 38.31 5.80 10.45
C GLN D 138 37.69 7.06 11.06
N GLN D 139 36.51 6.89 11.69
CA GLN D 139 35.74 7.90 12.42
C GLN D 139 35.90 7.68 13.93
N MET D 140 36.55 8.64 14.61
CA MET D 140 36.78 8.53 16.05
C MET D 140 35.61 9.12 16.85
N TYR D 141 35.73 9.13 18.20
CA TYR D 141 34.76 9.59 19.20
C TYR D 141 33.61 8.58 19.39
N GLY D 142 33.80 7.70 20.37
CA GLY D 142 32.83 6.65 20.71
C GLY D 142 33.40 5.46 21.43
N GLY D 143 32.63 4.37 21.43
CA GLY D 143 32.97 3.10 22.08
C GLY D 143 33.70 2.11 21.19
N SER D 144 33.30 0.82 21.27
CA SER D 144 33.89 -0.33 20.57
C SER D 144 35.33 -0.54 21.07
N LEU D 145 36.29 -0.87 20.19
CA LEU D 145 37.70 -1.01 20.60
C LEU D 145 38.36 0.38 20.65
N LEU D 146 37.62 1.42 20.24
CA LEU D 146 38.01 2.83 20.23
C LEU D 146 37.53 3.51 21.53
N SER D 147 38.18 4.62 21.91
CA SER D 147 37.87 5.41 23.12
C SER D 147 38.44 6.82 23.04
N THR D 148 37.62 7.83 23.44
CA THR D 148 38.00 9.25 23.43
C THR D 148 37.75 9.90 24.81
N GLN D 149 36.57 10.52 25.03
CA GLN D 149 36.23 11.15 26.30
C GLN D 149 35.07 10.41 27.00
N GLN D 150 35.34 9.14 27.38
CA GLN D 150 34.42 8.25 28.09
C GLN D 150 35.19 7.22 28.93
N GLY D 151 34.63 6.89 30.08
CA GLY D 151 35.23 5.94 31.02
C GLY D 151 34.47 4.64 31.17
N LEU D 152 35.03 3.56 30.61
CA LEU D 152 34.46 2.21 30.61
C LEU D 152 34.35 1.63 32.01
N TRP D 153 33.12 1.31 32.43
CA TRP D 153 32.82 0.74 33.75
C TRP D 153 32.62 -0.77 33.72
N ALA D 154 32.59 -1.41 34.92
CA ALA D 154 32.41 -2.86 35.04
C ALA D 154 31.82 -3.31 36.38
N LYS D 155 31.89 -4.63 36.63
CA LYS D 155 31.48 -5.39 37.81
C LYS D 155 31.88 -6.85 37.57
N ASP D 156 32.76 -7.39 38.41
CA ASP D 156 33.23 -8.78 38.30
C ASP D 156 32.65 -9.60 39.47
N GLY D 157 31.33 -9.64 39.51
CA GLY D 157 30.54 -10.30 40.54
C GLY D 157 30.06 -9.26 41.54
N HIS D 158 30.87 -9.00 42.56
CA HIS D 158 30.61 -8.00 43.59
C HIS D 158 31.75 -6.98 43.56
N ASN D 159 32.74 -7.26 42.70
CA ASN D 159 33.93 -6.47 42.38
C ASN D 159 33.54 -5.33 41.41
N PHE D 160 34.44 -4.34 41.18
CA PHE D 160 34.20 -3.21 40.29
C PHE D 160 35.46 -2.79 39.54
N VAL D 161 35.32 -2.31 38.28
CA VAL D 161 36.46 -1.88 37.46
C VAL D 161 36.13 -0.63 36.63
N TYR D 162 37.09 0.30 36.56
CA TYR D 162 37.00 1.51 35.73
C TYR D 162 38.20 1.58 34.81
N ILE D 163 37.97 1.91 33.54
CA ILE D 163 39.03 2.09 32.57
C ILE D 163 38.92 3.51 32.03
N GLU D 164 40.02 4.27 32.05
CA GLU D 164 40.05 5.65 31.54
C GLU D 164 39.90 5.66 30.03
N ARG D 165 40.67 4.78 29.34
CA ARG D 165 40.68 4.59 27.89
C ARG D 165 41.04 3.14 27.52
N VAL D 166 40.23 2.53 26.63
CA VAL D 166 40.41 1.17 26.13
C VAL D 166 40.93 1.29 24.68
N LYS D 167 41.94 0.48 24.33
CA LYS D 167 42.47 0.51 22.97
C LYS D 167 42.41 -0.86 22.30
N GLY D 168 42.45 -0.86 20.97
CA GLY D 168 42.44 -2.06 20.14
C GLY D 168 43.65 -2.95 20.32
N ASN D 169 44.78 -2.35 20.77
CA ASN D 169 46.07 -3.00 21.06
C ASN D 169 45.97 -3.99 22.25
N ASP D 170 44.72 -4.34 22.68
CA ASP D 170 44.35 -5.22 23.81
C ASP D 170 44.75 -4.63 25.19
N GLU D 171 45.53 -3.52 25.16
CA GLU D 171 45.98 -2.79 26.35
C GLU D 171 44.89 -1.84 26.84
N LEU D 172 44.85 -1.63 28.16
CA LEU D 172 43.85 -0.77 28.78
C LEU D 172 44.56 0.34 29.57
N GLY D 173 44.54 1.54 29.01
CA GLY D 173 45.19 2.72 29.60
C GLY D 173 44.47 3.23 30.83
N GLY D 174 44.83 2.66 31.97
CA GLY D 174 44.26 3.03 33.26
C GLY D 174 44.08 1.84 34.20
N VAL D 175 42.86 1.24 34.20
CA VAL D 175 42.42 0.08 34.99
C VAL D 175 42.43 0.35 36.52
N SER D 176 41.37 -0.10 37.22
CA SER D 176 41.23 0.03 38.67
C SER D 176 40.27 -1.03 39.24
N ILE D 177 40.80 -2.24 39.51
CA ILE D 177 40.01 -3.35 40.07
C ILE D 177 39.81 -3.08 41.57
N TYR D 178 38.56 -3.13 42.04
CA TYR D 178 38.22 -2.87 43.43
C TYR D 178 37.97 -4.16 44.21
N ALA D 179 39.04 -4.97 44.38
CA ALA D 179 39.01 -6.24 45.09
C ALA D 179 39.19 -6.06 46.60
N PHE D 180 35.72 -7.18 45.31
CA PHE D 180 35.61 -6.87 46.74
C PHE D 180 35.61 -8.14 47.60
N ASN D 181 35.76 -7.96 48.93
CA ASN D 181 35.73 -9.07 49.89
C ASN D 181 34.25 -9.54 50.11
N PRO D 182 33.97 -10.70 50.78
CA PRO D 182 32.55 -11.12 50.94
C PRO D 182 31.60 -10.12 51.63
N GLU D 183 32.13 -9.00 52.18
CA GLU D 183 31.35 -7.96 52.86
C GLU D 183 31.38 -6.61 52.13
N ARG D 184 32.02 -6.57 50.93
CA ARG D 184 32.21 -5.41 50.04
C ARG D 184 33.05 -4.28 50.68
N ARG D 185 34.32 -4.59 51.00
CA ARG D 185 35.29 -3.66 51.59
C ARG D 185 36.58 -3.71 50.78
N LEU D 186 36.97 -2.57 50.18
CA LEU D 186 38.16 -2.41 49.33
C LEU D 186 39.42 -3.07 49.87
N GLN D 187 40.16 -3.76 48.99
CA GLN D 187 41.41 -4.44 49.34
C GLN D 187 42.52 -4.19 48.31
N SER D 188 42.20 -3.46 47.22
CA SER D 188 43.16 -3.08 46.16
C SER D 188 42.69 -1.87 45.35
N VAL D 189 43.62 -0.93 45.10
CA VAL D 189 43.38 0.27 44.29
C VAL D 189 44.48 0.30 43.19
N ARG D 190 44.54 -0.82 42.43
CA ARG D 190 45.49 -1.12 41.36
C ARG D 190 45.45 -0.12 40.21
N TYR D 191 46.61 0.12 39.58
CA TYR D 191 46.74 1.00 38.42
C TYR D 191 47.84 0.51 37.50
N ALA D 192 47.49 0.30 36.22
CA ALA D 192 48.40 -0.17 35.18
C ALA D 192 48.49 0.80 34.01
N ALA D 193 49.72 1.02 33.48
CA ALA D 193 49.93 1.86 32.31
C ALA D 193 49.33 1.14 31.10
N SER D 194 49.39 -0.21 31.12
CA SER D 194 48.84 -1.14 30.13
C SER D 194 48.79 -2.56 30.71
N ALA D 195 47.61 -2.99 31.16
CA ALA D 195 47.40 -4.34 31.67
C ALA D 195 46.98 -5.19 30.47
N LYS D 196 47.93 -5.94 29.89
CA LYS D 196 47.73 -6.76 28.69
C LYS D 196 47.10 -8.12 29.03
N PHE D 197 46.75 -8.91 27.98
CA PHE D 197 46.15 -10.24 28.13
C PHE D 197 47.04 -11.32 27.52
N ASP D 198 47.23 -12.43 28.27
CA ASP D 198 48.06 -13.58 27.88
C ASP D 198 47.34 -14.93 28.08
N SER D 199 46.72 -15.43 26.99
CA SER D 199 45.98 -16.71 26.85
C SER D 199 44.81 -16.94 27.84
N GLU D 200 45.10 -17.10 29.15
CA GLU D 200 44.08 -17.39 30.18
C GLU D 200 43.94 -16.28 31.22
N ASN D 201 45.06 -15.67 31.61
CA ASN D 201 45.11 -14.63 32.64
C ASN D 201 45.22 -13.21 32.07
N TRP D 204 44.69 -12.22 32.82
CA TRP D 204 44.81 -10.80 32.46
C TRP D 204 46.00 -10.27 33.25
N ARG D 205 47.14 -10.06 32.54
CA ARG D 205 48.42 -9.63 33.10
C ARG D 205 48.35 -8.32 33.90
N LEU D 206 48.59 -8.46 35.21
CA LEU D 206 48.57 -7.40 36.19
C LEU D 206 49.95 -6.71 36.21
N SER D 207 50.09 -5.64 35.41
CA SER D 207 51.32 -4.85 35.25
C SER D 207 51.33 -3.67 36.23
N GLN D 208 52.36 -3.60 37.12
CA GLN D 208 52.56 -2.58 38.18
C GLN D 208 51.40 -2.56 39.21
N VAL D 209 51.28 -3.66 40.00
CA VAL D 209 50.26 -3.90 41.03
C VAL D 209 50.42 -2.92 42.23
N ASP D 210 49.29 -2.46 42.81
CA ASP D 210 49.24 -1.55 43.96
C ASP D 210 48.18 -2.02 44.97
N GLU D 211 48.20 -3.32 45.36
CA GLU D 211 47.22 -3.93 46.29
C GLU D 211 47.22 -3.26 47.69
N SER D 212 46.42 -2.17 47.82
CA SER D 212 46.26 -1.40 49.04
C SER D 212 45.19 -2.05 49.95
N ASP D 213 45.62 -3.02 50.78
CA ASP D 213 44.74 -3.79 51.67
C ASP D 213 44.10 -2.95 52.78
N LEU D 214 42.83 -3.30 53.07
CA LEU D 214 41.97 -2.72 54.10
C LEU D 214 41.05 -3.86 54.60
N THR D 215 41.69 -4.94 55.12
CA THR D 215 40.99 -6.12 55.65
C THR D 215 40.42 -5.82 57.06
N ASP D 216 40.95 -4.76 57.69
CA ASP D 216 40.56 -4.22 58.99
C ASP D 216 40.55 -2.67 58.85
N PRO D 217 39.65 -1.92 59.54
CA PRO D 217 39.63 -0.44 59.39
C PRO D 217 40.99 0.26 59.66
N LYS D 218 41.82 -0.32 60.57
CA LYS D 218 43.17 0.13 60.92
C LYS D 218 44.14 -0.19 59.75
N GLN D 219 43.97 -1.40 59.16
CA GLN D 219 44.73 -2.00 58.06
C GLN D 219 44.85 -1.11 56.85
N VAL D 220 45.91 -0.29 56.83
CA VAL D 220 46.22 0.56 55.69
C VAL D 220 47.62 0.17 55.17
N THR D 221 47.66 -1.04 54.55
CA THR D 221 48.81 -1.70 53.94
C THR D 221 48.89 -1.25 52.48
N GLY D 222 50.03 -0.70 52.07
CA GLY D 222 50.27 -0.22 50.73
C GLY D 222 51.34 -1.00 49.99
N SER D 223 50.92 -2.14 49.37
CA SER D 223 51.80 -3.07 48.62
C SER D 223 51.88 -2.77 47.11
N GLN D 224 52.97 -2.09 46.71
CA GLN D 224 53.32 -1.73 45.34
C GLN D 224 54.29 -2.81 44.80
N MET D 225 54.02 -3.34 43.59
CA MET D 225 54.81 -4.43 42.97
C MET D 225 54.84 -4.37 41.42
N VAL D 226 55.07 -5.55 40.75
CA VAL D 226 55.17 -5.84 39.30
C VAL D 226 55.49 -4.58 38.45
N ASN D 233 40.42 -11.12 38.43
CA ASN D 233 40.50 -12.57 38.46
C ASN D 233 39.70 -13.20 37.32
N LEU D 234 38.34 -13.17 37.41
CA LEU D 234 37.42 -13.69 36.38
C LEU D 234 37.09 -12.59 35.35
N THR D 235 38.04 -11.63 35.21
CA THR D 235 38.07 -10.44 34.35
C THR D 235 37.70 -10.79 32.87
N PRO D 236 36.58 -10.23 32.34
CA PRO D 236 36.20 -10.54 30.94
C PRO D 236 36.97 -9.71 29.90
N ASP D 237 37.50 -10.41 28.87
CA ASP D 237 38.29 -9.86 27.76
C ASP D 237 37.40 -9.21 26.68
N LYS D 238 36.93 -10.01 25.69
CA LYS D 238 36.02 -9.61 24.61
C LYS D 238 34.58 -9.88 25.08
N LEU D 239 34.45 -10.77 26.09
CA LEU D 239 33.19 -11.16 26.75
C LEU D 239 32.64 -9.95 27.55
N GLY D 240 33.49 -8.94 27.72
CA GLY D 240 33.20 -7.68 28.38
C GLY D 240 33.01 -6.55 27.39
N VAL D 241 33.69 -6.62 26.23
CA VAL D 241 33.59 -5.61 25.16
C VAL D 241 32.20 -5.73 24.50
N VAL D 242 31.28 -4.86 24.97
CA VAL D 242 29.89 -4.77 24.53
C VAL D 242 29.68 -3.53 23.63
N ALA D 243 30.64 -2.57 23.67
CA ALA D 243 30.65 -1.28 22.94
C ALA D 243 29.57 -0.32 23.48
N LEU D 244 28.90 0.46 22.59
CA LEU D 244 27.87 1.43 22.96
C LEU D 244 26.50 0.77 23.34
N ASP D 245 26.55 -0.48 23.87
CA ASP D 245 25.39 -1.31 24.28
C ASP D 245 24.38 -1.44 23.12
N PRO D 246 24.65 -2.32 22.12
CA PRO D 246 23.80 -2.38 20.93
C PRO D 246 22.62 -3.34 20.95
N ASP D 247 22.73 -4.49 21.65
CA ASP D 247 21.72 -5.57 21.74
C ASP D 247 21.55 -6.35 20.41
N ALA D 248 21.76 -5.67 19.26
CA ALA D 248 21.68 -6.24 17.93
C ALA D 248 22.96 -7.07 17.65
N LEU D 249 22.88 -8.36 18.03
CA LEU D 249 23.91 -9.40 17.91
C LEU D 249 23.26 -10.80 18.05
N SER D 250 24.03 -11.89 17.91
CA SER D 250 23.55 -13.28 17.96
C SER D 250 22.81 -13.65 19.24
N ILE D 251 21.85 -14.61 19.13
CA ILE D 251 21.05 -15.18 20.22
C ILE D 251 22.00 -15.83 21.24
N SER D 252 23.08 -16.46 20.73
CA SER D 252 24.16 -17.11 21.48
C SER D 252 24.96 -16.05 22.24
N GLY D 253 25.36 -14.99 21.53
CA GLY D 253 26.12 -13.86 22.06
C GLY D 253 25.39 -13.09 23.12
N LEU D 254 24.05 -13.11 23.07
CA LEU D 254 23.18 -12.45 24.04
C LEU D 254 22.97 -13.37 25.26
N HIS D 255 22.82 -14.70 25.04
CA HIS D 255 22.59 -15.68 26.10
C HIS D 255 23.72 -15.76 27.11
N ASN D 256 24.98 -15.81 26.65
CA ASN D 256 26.14 -15.86 27.55
C ASN D 256 26.19 -14.61 28.42
N TYR D 257 25.92 -13.44 27.79
CA TYR D 257 25.89 -12.11 28.41
C TYR D 257 24.77 -12.02 29.46
N VAL D 258 23.67 -12.78 29.25
CA VAL D 258 22.51 -12.86 30.16
C VAL D 258 22.96 -13.41 31.53
N LYS D 259 23.88 -14.42 31.53
CA LYS D 259 24.42 -14.98 32.77
C LYS D 259 25.42 -13.98 33.40
N TYR D 260 26.03 -13.08 32.58
CA TYR D 260 26.98 -12.06 33.02
C TYR D 260 26.27 -10.79 33.52
N PRO D 268 19.45 -4.98 33.00
CA PRO D 268 19.32 -6.29 33.69
C PRO D 268 18.48 -7.30 32.91
N GLY D 269 17.73 -6.80 31.93
CA GLY D 269 16.85 -7.61 31.10
C GLY D 269 16.60 -7.05 29.71
N ARG D 270 17.18 -5.85 29.38
CA ARG D 270 17.01 -5.25 28.04
C ARG D 270 17.68 -6.09 26.96
N TYR D 271 18.71 -6.87 27.37
CA TYR D 271 19.45 -7.83 26.56
C TYR D 271 18.64 -9.12 26.49
N GLN D 272 17.93 -9.46 27.60
CA GLN D 272 17.10 -10.66 27.72
C GLN D 272 15.88 -10.60 26.77
N LEU D 273 15.35 -9.38 26.48
CA LEU D 273 14.23 -9.22 25.55
C LEU D 273 14.68 -9.64 24.15
N ASN D 274 15.80 -9.08 23.67
CA ASN D 274 16.39 -9.30 22.35
C ASN D 274 16.80 -10.76 22.07
N MET D 275 17.10 -11.58 23.10
CA MET D 275 17.45 -13.00 22.86
C MET D 275 16.18 -13.84 22.57
N TRP D 276 15.00 -13.31 22.96
CA TRP D 276 13.68 -13.90 22.71
C TRP D 276 13.07 -13.24 21.48
N SER D 277 13.25 -11.90 21.35
CA SER D 277 12.78 -11.08 20.26
C SER D 277 13.49 -11.42 18.94
N LYS D 278 14.56 -12.25 19.03
CA LYS D 278 15.32 -12.73 17.88
C LYS D 278 14.88 -14.15 17.54
N ILE D 279 14.30 -14.89 18.51
CA ILE D 279 13.81 -16.25 18.26
C ILE D 279 12.31 -16.25 17.89
N PHE D 280 11.63 -15.09 18.02
CA PHE D 280 10.24 -14.99 17.59
C PHE D 280 10.18 -14.73 16.09
N GLN D 281 11.27 -14.14 15.53
CA GLN D 281 11.41 -13.81 14.11
C GLN D 281 11.00 -14.98 13.19
N PRO D 282 11.50 -16.24 13.35
CA PRO D 282 11.02 -17.32 12.48
C PRO D 282 9.52 -17.62 12.59
N LEU D 283 8.95 -17.62 13.81
CA LEU D 283 7.51 -17.88 13.98
C LEU D 283 6.66 -16.73 13.44
N SER D 284 7.10 -15.47 13.64
CA SER D 284 6.40 -14.27 13.18
C SER D 284 6.27 -14.28 11.65
N VAL D 285 7.35 -14.68 10.93
CA VAL D 285 7.38 -14.82 9.47
C VAL D 285 6.25 -15.78 9.03
N ALA D 286 6.10 -16.93 9.74
CA ALA D 286 5.07 -17.94 9.50
C ALA D 286 3.66 -17.46 9.87
N VAL D 287 3.55 -16.72 10.99
CA VAL D 287 2.31 -16.15 11.50
C VAL D 287 1.75 -15.11 10.51
N MET D 288 2.63 -14.24 9.97
CA MET D 288 2.30 -13.20 8.98
C MET D 288 1.68 -13.86 7.73
N MET D 289 2.25 -15.01 7.33
CA MET D 289 1.78 -15.81 6.21
C MET D 289 0.46 -16.49 6.54
N LEU D 290 0.25 -16.81 7.82
CA LEU D 290 -1.02 -17.39 8.26
C LEU D 290 -2.08 -16.29 8.24
N MET D 291 -1.68 -15.03 8.57
CA MET D 291 -2.54 -13.86 8.57
C MET D 291 -2.85 -13.36 7.16
N ALA D 292 -1.92 -13.55 6.20
CA ALA D 292 -2.12 -13.18 4.80
C ALA D 292 -3.29 -14.01 4.22
N LEU D 293 -3.45 -15.27 4.70
CA LEU D 293 -4.53 -16.20 4.35
C LEU D 293 -5.81 -15.77 5.05
N SER D 294 -5.70 -15.37 6.33
CA SER D 294 -6.78 -14.88 7.19
C SER D 294 -7.40 -13.61 6.65
N PHE D 295 -6.64 -12.91 5.79
CA PHE D 295 -7.07 -11.67 5.13
C PHE D 295 -7.46 -11.90 3.69
N ILE D 296 -6.80 -12.85 2.99
CA ILE D 296 -7.13 -13.14 1.58
C ILE D 296 -8.43 -13.97 1.49
N PHE D 297 -8.82 -14.65 2.58
CA PHE D 297 -10.05 -15.42 2.61
C PHE D 297 -11.14 -14.68 3.39
N GLY D 298 -10.72 -13.74 4.25
CA GLY D 298 -11.60 -12.88 5.02
C GLY D 298 -12.05 -11.72 4.14
N PRO D 299 -11.49 -10.49 4.33
CA PRO D 299 -11.87 -9.36 3.45
C PRO D 299 -11.35 -9.54 2.00
N LEU D 300 -12.16 -10.22 1.18
CA LEU D 300 -11.92 -10.56 -0.22
C LEU D 300 -12.69 -9.65 -1.17
N ARG D 301 -14.06 -9.62 -1.02
CA ARG D 301 -15.10 -8.89 -1.79
C ARG D 301 -14.53 -7.99 -2.90
N SER D 302 -13.96 -8.64 -3.95
CA SER D 302 -13.30 -8.07 -5.14
C SER D 302 -12.55 -6.73 -4.86
N VAL D 303 -11.93 -6.60 -3.66
CA VAL D 303 -11.22 -5.38 -3.25
C VAL D 303 -9.95 -5.18 -4.08
N PRO D 304 -9.70 -3.95 -4.59
CA PRO D 304 -8.55 -3.74 -5.47
C PRO D 304 -7.20 -3.72 -4.76
N MET D 305 -6.10 -3.85 -5.55
CA MET D 305 -4.70 -3.86 -5.09
C MET D 305 -4.41 -2.75 -4.09
N GLY D 306 -5.06 -1.59 -4.28
CA GLY D 306 -4.94 -0.42 -3.41
C GLY D 306 -5.35 -0.70 -1.98
N VAL D 307 -6.57 -1.23 -1.78
CA VAL D 307 -7.08 -1.56 -0.45
C VAL D 307 -6.32 -2.74 0.15
N ARG D 308 -5.85 -3.66 -0.70
CA ARG D 308 -5.10 -4.85 -0.28
C ARG D 308 -3.67 -4.48 0.16
N VAL D 309 -3.08 -3.43 -0.45
CA VAL D 309 -1.72 -2.96 -0.15
C VAL D 309 -1.72 -1.99 1.05
N VAL D 310 -2.78 -1.17 1.23
CA VAL D 310 -2.85 -0.22 2.35
C VAL D 310 -2.95 -0.96 3.68
N THR D 311 -3.69 -2.08 3.73
CA THR D 311 -3.79 -2.91 4.92
C THR D 311 -2.59 -3.84 5.02
N GLY D 312 -1.92 -4.05 3.89
CA GLY D 312 -0.69 -4.84 3.81
C GLY D 312 0.47 -4.06 4.40
N ILE D 313 0.48 -2.73 4.15
CA ILE D 313 1.48 -1.79 4.63
C ILE D 313 1.18 -1.34 6.07
N SER D 314 -0.13 -1.27 6.43
CA SER D 314 -0.55 -0.87 7.78
C SER D 314 -0.31 -1.98 8.79
N PHE D 315 -0.79 -3.22 8.52
CA PHE D 315 -0.62 -4.35 9.44
C PHE D 315 0.83 -4.74 9.71
N GLY D 316 1.75 -4.28 8.86
CA GLY D 316 3.17 -4.45 9.06
C GLY D 316 3.62 -3.49 10.14
N PHE D 317 3.16 -2.22 10.02
CA PHE D 317 3.44 -1.17 10.99
C PHE D 317 2.74 -1.42 12.34
N ILE D 318 1.48 -1.94 12.33
CA ILE D 318 0.70 -2.31 13.52
C ILE D 318 1.58 -3.28 14.33
N PHE D 319 2.24 -4.20 13.62
CA PHE D 319 3.07 -5.26 14.18
C PHE D 319 4.49 -4.78 14.47
N TYR D 320 4.90 -3.61 13.90
CA TYR D 320 6.18 -2.96 14.18
C TYR D 320 6.03 -2.28 15.54
N VAL D 321 4.84 -1.66 15.76
CA VAL D 321 4.44 -0.97 16.98
C VAL D 321 4.42 -1.91 18.17
N LEU D 322 3.79 -3.08 18.03
CA LEU D 322 3.73 -4.06 19.10
C LEU D 322 5.11 -4.61 19.51
N ASP D 323 6.13 -4.41 18.64
CA ASP D 323 7.50 -4.84 18.87
C ASP D 323 8.38 -3.70 19.42
N GLN D 324 8.43 -2.58 18.69
CA GLN D 324 9.24 -1.42 19.03
C GLN D 324 8.67 -0.56 20.18
N ILE D 325 7.35 -0.64 20.43
CA ILE D 325 6.73 0.14 21.49
C ILE D 325 6.29 -0.76 22.63
N PHE D 326 5.39 -1.73 22.36
CA PHE D 326 4.85 -2.63 23.38
C PHE D 326 5.88 -3.61 23.92
N GLY D 327 6.91 -3.89 23.12
CA GLY D 327 8.05 -4.73 23.50
C GLY D 327 8.79 -4.08 24.66
N PRO D 328 9.43 -2.88 24.46
CA PRO D 328 10.07 -2.20 25.59
C PRO D 328 9.10 -1.80 26.71
N LEU D 329 7.81 -1.50 26.37
CA LEU D 329 6.76 -1.15 27.33
C LEU D 329 6.50 -2.20 28.41
N THR D 330 7.19 -3.37 28.34
CA THR D 330 7.10 -4.46 29.32
C THR D 330 8.08 -4.20 30.51
N LEU D 331 8.84 -3.09 30.44
CA LEU D 331 9.74 -2.60 31.49
C LEU D 331 8.89 -2.15 32.69
N VAL D 332 7.66 -1.63 32.42
CA VAL D 332 6.63 -1.10 33.33
C VAL D 332 6.41 -2.05 34.53
N TYR D 333 5.84 -3.24 34.30
CA TYR D 333 5.62 -4.22 35.37
C TYR D 333 6.87 -5.08 35.59
N GLY D 334 7.75 -5.11 34.58
CA GLY D 334 8.94 -5.94 34.59
C GLY D 334 8.53 -7.37 34.28
N ILE D 335 7.53 -7.50 33.40
CA ILE D 335 6.98 -8.78 32.96
C ILE D 335 8.01 -9.48 32.05
N PRO D 336 8.36 -10.76 32.36
CA PRO D 336 9.40 -11.47 31.58
C PRO D 336 9.39 -11.29 30.06
N PRO D 337 10.61 -11.14 29.45
CA PRO D 337 10.70 -10.93 27.99
C PRO D 337 9.93 -11.92 27.10
N ILE D 338 9.68 -13.17 27.58
CA ILE D 338 8.90 -14.20 26.88
C ILE D 338 7.51 -13.64 26.58
N ILE D 339 6.88 -13.02 27.59
CA ILE D 339 5.55 -12.40 27.51
C ILE D 339 5.64 -11.08 26.71
N GLY D 340 6.82 -10.47 26.70
CA GLY D 340 7.07 -9.22 26.01
C GLY D 340 7.49 -9.35 24.56
N ALA D 341 7.81 -10.57 24.11
CA ALA D 341 8.25 -10.81 22.74
C ALA D 341 7.47 -11.95 22.07
N LEU D 342 7.55 -13.18 22.62
CA LEU D 342 6.89 -14.38 22.09
C LEU D 342 5.35 -14.35 22.20
N LEU D 343 4.78 -13.30 22.84
CA LEU D 343 3.33 -13.13 22.99
C LEU D 343 2.80 -11.92 22.16
N PRO D 344 3.39 -10.69 22.16
CA PRO D 344 2.86 -9.62 21.29
C PRO D 344 3.04 -9.96 19.82
N SER D 345 3.92 -10.94 19.50
CA SER D 345 4.15 -11.46 18.17
C SER D 345 3.22 -12.65 17.87
N ALA D 346 2.54 -13.18 18.91
CA ALA D 346 1.59 -14.28 18.81
C ALA D 346 0.18 -13.70 18.75
N SER D 347 -0.01 -12.45 19.27
CA SER D 347 -1.28 -11.72 19.25
C SER D 347 -1.74 -11.53 17.81
N PHE D 348 -0.75 -11.48 16.90
CA PHE D 348 -0.89 -11.35 15.46
C PHE D 348 -1.67 -12.56 14.95
N PHE D 349 -1.28 -13.77 15.42
CA PHE D 349 -1.87 -15.06 15.10
C PHE D 349 -3.24 -15.23 15.73
N LEU D 350 -3.48 -14.59 16.89
CA LEU D 350 -4.77 -14.65 17.58
C LEU D 350 -5.89 -13.97 16.81
N ILE D 351 -5.54 -12.96 16.00
CA ILE D 351 -6.46 -12.23 15.12
C ILE D 351 -6.65 -13.11 13.88
N SER D 352 -5.55 -13.77 13.44
CA SER D 352 -5.51 -14.65 12.28
C SER D 352 -6.46 -15.83 12.42
N LEU D 353 -6.40 -16.55 13.56
CA LEU D 353 -7.28 -17.69 13.84
C LEU D 353 -8.75 -17.27 13.99
N TRP D 354 -8.97 -16.02 14.45
CA TRP D 354 -10.29 -15.42 14.65
C TRP D 354 -10.94 -15.15 13.29
N LEU D 355 -10.18 -14.57 12.34
CA LEU D 355 -10.61 -14.25 10.98
C LEU D 355 -11.04 -15.51 10.23
N MET D 356 -10.27 -16.59 10.38
CA MET D 356 -10.50 -17.90 9.73
C MET D 356 -11.63 -18.72 10.36
N MET D 357 -12.04 -18.38 11.60
CA MET D 357 -13.11 -19.08 12.32
C MET D 357 -14.44 -18.31 12.31
N ARG D 358 -14.43 -17.05 11.85
CA ARG D 358 -15.62 -16.20 11.77
C ARG D 358 -16.30 -16.29 10.40
N LYS D 359 -15.52 -16.10 9.30
CA LYS D 359 -16.02 -16.14 7.91
C LYS D 359 -16.39 -17.56 7.49
N ALA D 360 -15.47 -18.53 7.68
CA ALA D 360 -15.66 -19.93 7.32
C ALA D 360 -16.63 -20.64 8.29
#